data_4K5R
#
_entry.id   4K5R
#
_cell.length_a   83.295
_cell.length_b   56.050
_cell.length_c   124.903
_cell.angle_alpha   90.00
_cell.angle_beta   95.00
_cell.angle_gamma   90.00
#
_symmetry.space_group_name_H-M   'P 1 2 1'
#
loop_
_entity.id
_entity.type
_entity.pdbx_description
1 polymer Oxygenase
2 non-polymer 'FLAVIN-ADENINE DINUCLEOTIDE'
3 water water
#
_entity_poly.entity_id   1
_entity_poly.type   'polypeptide(L)'
_entity_poly.pdbx_seq_one_letter_code
;GSHMHNSNADDAALTTDVVVVGGGPVGLMLAGELRAGGVGALVLEKLVEPVGHDRAGALHIRTVETLDLRGLLDRFLEGT
QVAKGLPFAGIFTQGLDFGLVDTRHPYTALVPQSRTEALLAEHAREAGAEIRRGHEVTGLRQDAEAVEVTVAGPSGPYRV
RARYAVGCDGGRSTVRRLAGIGFPGTEATVRALIGYVTTPEREVPRRWERTPDGILVLAFPPEGGLGRVVVIEYTGHSPA
ADEGPVTLEDLGAAVARVRGTPLTLTEPVSWLSRFGDASRQAKRYRSGRVLLAGDAAHVHFPIGGQGLNTGLQDAVNLGW
KLAARVRGWGSEELLDTYHDERHPVAERVLLNTRAQLALMRPDEQHTTPLRGFVEELLGTDEVNRYFTGMITGTDVRYAT
FAPAAPARPHPWAGRFAGGLVLSGPSGEPVPVAELLRSARPLLLDLAGRADLREATRPWSDRVSVVAGEATVEPPAQALL
VRPDGYVAWAGSPAATADELRASLARWFGPPANREPVGHQERAGRRGRPLSALKPE
;
_entity_poly.pdbx_strand_id   A,B
#
loop_
_chem_comp.id
_chem_comp.type
_chem_comp.name
_chem_comp.formula
FAD non-polymer 'FLAVIN-ADENINE DINUCLEOTIDE' 'C27 H33 N9 O15 P2'
#
# COMPACT_ATOMS: atom_id res chain seq x y z
N ALA A 13 -11.86 20.76 4.32
CA ALA A 13 -12.30 19.41 4.64
C ALA A 13 -12.46 18.55 3.38
N LEU A 14 -12.31 19.16 2.22
CA LEU A 14 -12.54 18.49 0.94
C LEU A 14 -11.77 17.16 0.79
N THR A 15 -10.49 17.12 1.17
CA THR A 15 -9.69 15.94 0.92
C THR A 15 -9.83 14.86 2.00
N THR A 16 -9.89 15.31 3.25
CA THR A 16 -9.89 14.41 4.39
C THR A 16 -10.11 15.23 5.65
N ASP A 17 -10.48 14.56 6.74
CA ASP A 17 -10.74 15.25 7.99
C ASP A 17 -9.45 15.72 8.61
N VAL A 18 -8.49 14.80 8.72
CA VAL A 18 -7.23 15.12 9.37
C VAL A 18 -6.06 14.62 8.55
N VAL A 19 -5.14 15.52 8.21
CA VAL A 19 -3.92 15.12 7.52
C VAL A 19 -2.77 14.98 8.53
N VAL A 20 -2.13 13.82 8.53
CA VAL A 20 -0.97 13.57 9.37
C VAL A 20 0.33 13.70 8.55
N VAL A 21 1.18 14.63 8.94
CA VAL A 21 2.44 14.85 8.23
C VAL A 21 3.56 14.05 8.88
N GLY A 22 3.99 12.98 8.21
CA GLY A 22 5.03 12.13 8.75
C GLY A 22 4.50 10.76 9.08
N GLY A 23 5.16 9.74 8.56
CA GLY A 23 4.77 8.37 8.81
C GLY A 23 5.77 7.62 9.64
N GLY A 24 6.34 8.30 10.64
CA GLY A 24 7.13 7.63 11.65
C GLY A 24 6.17 6.95 12.60
N PRO A 25 6.69 6.32 13.66
CA PRO A 25 5.84 5.62 14.62
C PRO A 25 4.76 6.52 15.21
N VAL A 26 5.08 7.78 15.48
CA VAL A 26 4.10 8.67 16.12
C VAL A 26 2.95 9.06 15.18
N GLY A 27 3.25 9.40 13.94
CA GLY A 27 2.20 9.68 12.96
C GLY A 27 1.31 8.47 12.71
N LEU A 28 1.90 7.28 12.69
CA LEU A 28 1.14 6.08 12.41
C LEU A 28 0.23 5.74 13.62
N MET A 29 0.74 5.91 14.82
CA MET A 29 -0.08 5.73 16.01
C MET A 29 -1.26 6.70 15.99
N LEU A 30 -0.97 7.96 15.64
CA LEU A 30 -2.02 8.99 15.64
C LEU A 30 -3.12 8.69 14.63
N ALA A 31 -2.74 8.16 13.48
CA ALA A 31 -3.69 7.81 12.43
C ALA A 31 -4.60 6.64 12.85
N GLY A 32 -4.02 5.68 13.56
CA GLY A 32 -4.76 4.60 14.18
C GLY A 32 -5.84 5.17 15.09
N GLU A 33 -5.42 6.03 16.01
CA GLU A 33 -6.31 6.67 16.96
C GLU A 33 -7.43 7.46 16.28
N LEU A 34 -7.08 8.18 15.21
CA LEU A 34 -8.09 9.00 14.55
C LEU A 34 -9.14 8.10 13.91
N ARG A 35 -8.69 6.96 13.38
CA ARG A 35 -9.60 6.02 12.74
C ARG A 35 -10.51 5.37 13.78
N ALA A 36 -9.96 5.03 14.95
CA ALA A 36 -10.74 4.43 16.02
C ALA A 36 -11.78 5.41 16.54
N GLY A 37 -11.53 6.69 16.29
CA GLY A 37 -12.48 7.74 16.62
C GLY A 37 -13.44 8.03 15.48
N GLY A 38 -13.38 7.24 14.42
CA GLY A 38 -14.29 7.37 13.29
C GLY A 38 -14.14 8.58 12.38
N VAL A 39 -12.92 9.09 12.22
CA VAL A 39 -12.71 10.17 11.24
C VAL A 39 -11.57 9.85 10.27
N GLY A 40 -11.61 10.47 9.10
CA GLY A 40 -10.60 10.25 8.08
C GLY A 40 -9.21 10.76 8.39
N ALA A 41 -8.22 9.91 8.16
CA ALA A 41 -6.82 10.25 8.38
C ALA A 41 -5.95 9.91 7.16
N LEU A 42 -5.24 10.92 6.68
CA LEU A 42 -4.31 10.75 5.57
C LEU A 42 -2.89 11.04 6.08
N VAL A 43 -2.00 10.07 5.88
CA VAL A 43 -0.63 10.18 6.37
C VAL A 43 0.25 10.44 5.17
N LEU A 44 0.90 11.60 5.16
CA LEU A 44 1.88 11.92 4.12
C LEU A 44 3.28 11.69 4.68
N GLU A 45 3.97 10.70 4.13
CA GLU A 45 5.31 10.35 4.59
C GLU A 45 6.35 10.68 3.51
N LYS A 46 7.43 11.34 3.92
CA LYS A 46 8.45 11.83 2.97
C LYS A 46 9.20 10.70 2.27
N LEU A 47 9.73 9.76 3.05
CA LEU A 47 10.50 8.65 2.52
C LEU A 47 9.63 7.69 1.72
N VAL A 48 10.25 7.05 0.72
CA VAL A 48 9.57 6.01 -0.05
C VAL A 48 9.68 4.66 0.67
N GLU A 49 10.73 4.52 1.48
CA GLU A 49 10.96 3.30 2.24
C GLU A 49 11.51 3.63 3.60
N PRO A 50 10.94 3.03 4.65
CA PRO A 50 11.46 3.25 6.01
C PRO A 50 12.96 2.98 6.12
N VAL A 51 13.67 3.87 6.80
CA VAL A 51 15.07 3.65 7.12
C VAL A 51 15.19 2.69 8.30
N GLY A 52 16.39 2.41 8.75
CA GLY A 52 16.55 1.53 9.89
C GLY A 52 17.17 2.23 11.07
N HIS A 53 16.94 1.77 12.28
CA HIS A 53 17.41 2.48 13.46
C HIS A 53 18.26 1.69 14.40
N ASP A 54 18.43 2.24 15.58
CA ASP A 54 18.96 1.48 16.67
C ASP A 54 17.93 0.39 16.82
N ARG A 55 18.39 -0.85 16.95
CA ARG A 55 17.53 -2.01 17.02
C ARG A 55 17.27 -2.36 18.46
N ALA A 56 17.64 -1.51 19.38
CA ALA A 56 17.32 -1.78 20.77
C ALA A 56 16.29 -0.80 21.34
N GLY A 57 15.08 -0.80 20.79
CA GLY A 57 14.03 0.05 21.31
C GLY A 57 13.57 -0.41 22.68
N ALA A 58 12.95 0.49 23.44
CA ALA A 58 12.34 0.12 24.70
C ALA A 58 10.99 0.79 24.80
N LEU A 59 9.98 -0.01 25.14
CA LEU A 59 8.64 0.48 25.41
C LEU A 59 8.40 0.26 26.90
N HIS A 60 8.15 1.34 27.62
CA HIS A 60 8.07 1.29 29.06
C HIS A 60 6.66 1.05 29.57
N ILE A 61 6.54 0.87 30.87
CA ILE A 61 5.29 0.47 31.51
C ILE A 61 4.05 1.17 30.93
N ARG A 62 4.00 2.50 31.03
CA ARG A 62 2.80 3.26 30.64
C ARG A 62 2.54 3.20 29.14
N THR A 63 3.57 2.94 28.33
CA THR A 63 3.33 2.77 26.90
C THR A 63 2.71 1.40 26.67
N VAL A 64 3.29 0.39 27.32
CA VAL A 64 2.74 -0.97 27.31
C VAL A 64 1.27 -1.02 27.77
N GLU A 65 0.96 -0.33 28.85
CA GLU A 65 -0.41 -0.27 29.36
C GLU A 65 -1.31 0.40 28.31
N THR A 66 -0.78 1.40 27.61
CA THR A 66 -1.54 2.10 26.60
C THR A 66 -1.82 1.19 25.39
N LEU A 67 -0.80 0.44 24.98
CA LEU A 67 -0.96 -0.51 23.88
C LEU A 67 -2.01 -1.57 24.24
N ASP A 68 -2.04 -1.95 25.51
CA ASP A 68 -3.00 -2.95 25.99
C ASP A 68 -4.47 -2.50 25.83
N LEU A 69 -4.74 -1.24 26.16
CA LEU A 69 -6.10 -0.73 26.05
C LEU A 69 -6.48 -0.42 24.61
N ARG A 70 -5.51 -0.57 23.69
CA ARG A 70 -5.77 -0.40 22.26
C ARG A 70 -5.85 -1.76 21.57
N GLY A 71 -5.63 -2.83 22.32
CA GLY A 71 -5.62 -4.15 21.76
C GLY A 71 -4.43 -4.40 20.85
N LEU A 72 -3.34 -3.69 21.10
CA LEU A 72 -2.12 -3.85 20.29
C LEU A 72 -1.05 -4.63 21.03
N LEU A 73 -1.24 -4.83 22.33
CA LEU A 73 -0.15 -5.33 23.16
C LEU A 73 0.31 -6.72 22.75
N ASP A 74 -0.64 -7.54 22.30
CA ASP A 74 -0.34 -8.93 21.96
C ASP A 74 0.65 -9.05 20.79
N ARG A 75 0.36 -8.40 19.68
CA ARG A 75 1.25 -8.50 18.52
C ARG A 75 2.62 -7.85 18.79
N PHE A 76 2.64 -6.82 19.62
CA PHE A 76 3.91 -6.22 20.03
C PHE A 76 4.74 -7.18 20.87
N LEU A 77 4.08 -8.15 21.51
CA LEU A 77 4.79 -9.06 22.40
C LEU A 77 5.15 -10.39 21.74
N GLU A 78 4.67 -10.60 20.52
CA GLU A 78 5.01 -11.80 19.75
C GLU A 78 6.51 -11.93 19.52
N GLY A 79 7.14 -12.89 20.22
CA GLY A 79 8.56 -13.13 20.07
C GLY A 79 9.42 -12.01 20.61
N THR A 80 8.93 -11.33 21.64
CA THR A 80 9.59 -10.16 22.21
C THR A 80 10.30 -10.46 23.52
N GLN A 81 11.50 -9.91 23.68
CA GLN A 81 12.20 -9.98 24.96
C GLN A 81 11.76 -8.81 25.83
N VAL A 82 11.68 -9.03 27.14
CA VAL A 82 11.32 -7.98 28.07
C VAL A 82 12.39 -7.84 29.13
N ALA A 83 12.41 -6.70 29.81
CA ALA A 83 13.33 -6.50 30.92
C ALA A 83 12.54 -6.21 32.18
N LYS A 84 13.01 -6.74 33.31
CA LYS A 84 12.25 -6.57 34.56
C LYS A 84 12.82 -5.44 35.40
N GLY A 85 13.76 -4.71 34.82
CA GLY A 85 14.36 -3.56 35.48
C GLY A 85 15.15 -2.71 34.50
N LEU A 86 15.69 -1.60 34.98
CA LEU A 86 16.52 -0.72 34.16
C LEU A 86 17.47 0.05 35.07
N PRO A 87 18.68 0.31 34.58
CA PRO A 87 19.63 1.15 35.31
C PRO A 87 19.19 2.61 35.22
N PHE A 88 19.61 3.45 36.16
CA PHE A 88 19.33 4.88 36.05
C PHE A 88 20.64 5.64 35.96
N ALA A 89 20.80 6.39 34.87
CA ALA A 89 22.02 7.17 34.63
C ALA A 89 23.26 6.29 34.74
N GLY A 90 23.18 5.10 34.17
CA GLY A 90 24.30 4.18 34.14
C GLY A 90 24.62 3.55 35.49
N ILE A 91 23.64 3.51 36.39
CA ILE A 91 23.83 2.86 37.71
C ILE A 91 23.05 1.55 37.77
N PHE A 92 23.77 0.44 37.88
CA PHE A 92 23.18 -0.88 37.68
C PHE A 92 22.91 -1.68 38.94
N THR A 93 23.79 -1.54 39.93
CA THR A 93 23.66 -2.23 41.20
C THR A 93 22.35 -1.92 41.92
N GLN A 94 21.88 -0.69 41.80
CA GLN A 94 20.60 -0.32 42.40
C GLN A 94 19.70 0.26 41.33
N GLY A 95 19.31 -0.59 40.37
CA GLY A 95 18.49 -0.15 39.25
C GLY A 95 17.02 0.11 39.57
N LEU A 96 16.32 0.65 38.58
CA LEU A 96 14.91 0.94 38.72
C LEU A 96 14.12 -0.35 38.96
N ASP A 97 13.37 -0.38 40.06
CA ASP A 97 12.62 -1.56 40.50
C ASP A 97 11.15 -1.48 40.05
N PHE A 98 10.81 -2.22 39.01
CA PHE A 98 9.44 -2.18 38.47
C PHE A 98 8.38 -2.71 39.42
N GLY A 99 8.81 -3.39 40.49
CA GLY A 99 7.89 -4.00 41.43
C GLY A 99 7.29 -3.02 42.42
N LEU A 100 7.88 -1.84 42.49
CA LEU A 100 7.45 -0.84 43.46
C LEU A 100 6.35 0.03 42.90
N VAL A 101 6.04 -0.16 41.62
CA VAL A 101 4.99 0.64 41.00
C VAL A 101 3.72 -0.18 40.75
N ASP A 102 2.59 0.52 40.77
CA ASP A 102 1.30 -0.13 40.56
C ASP A 102 1.01 -0.38 39.08
N THR A 103 1.10 -1.64 38.69
CA THR A 103 0.87 -2.03 37.31
C THR A 103 0.77 -3.56 37.20
N ARG A 104 0.04 -4.01 36.19
CA ARG A 104 0.01 -5.42 35.82
C ARG A 104 0.86 -5.65 34.55
N HIS A 105 1.73 -4.69 34.26
CA HIS A 105 2.79 -4.91 33.28
C HIS A 105 4.13 -4.36 33.80
N PRO A 106 4.69 -5.02 34.82
CA PRO A 106 5.97 -4.60 35.41
C PRO A 106 7.19 -4.98 34.57
N TYR A 107 7.27 -4.48 33.34
CA TYR A 107 8.40 -4.80 32.49
C TYR A 107 8.51 -3.82 31.34
N THR A 108 9.72 -3.72 30.77
CA THR A 108 9.93 -3.00 29.53
C THR A 108 9.95 -4.00 28.39
N ALA A 109 9.18 -3.71 27.35
CA ALA A 109 9.21 -4.50 26.14
C ALA A 109 10.33 -4.02 25.21
N LEU A 110 11.30 -4.89 24.94
CA LEU A 110 12.40 -4.57 24.04
C LEU A 110 12.02 -4.82 22.57
N VAL A 111 11.43 -3.81 21.95
CA VAL A 111 10.97 -3.91 20.58
C VAL A 111 11.74 -2.91 19.72
N PRO A 112 12.44 -3.39 18.69
CA PRO A 112 13.15 -2.50 17.76
C PRO A 112 12.17 -1.51 17.10
N GLN A 113 12.52 -0.23 17.10
CA GLN A 113 11.63 0.80 16.59
C GLN A 113 11.10 0.50 15.18
N SER A 114 11.91 -0.16 14.37
CA SER A 114 11.52 -0.49 12.99
C SER A 114 10.34 -1.46 13.00
N ARG A 115 10.33 -2.38 13.97
CA ARG A 115 9.20 -3.27 14.13
C ARG A 115 7.95 -2.54 14.64
N THR A 116 8.14 -1.65 15.62
CA THR A 116 7.05 -0.81 16.10
C THR A 116 6.44 -0.02 14.93
N GLU A 117 7.27 0.35 13.96
CA GLU A 117 6.85 1.17 12.87
C GLU A 117 6.06 0.35 11.90
N ALA A 118 6.51 -0.85 11.67
CA ALA A 118 5.83 -1.78 10.75
C ALA A 118 4.46 -2.21 11.30
N LEU A 119 4.41 -2.52 12.59
CA LEU A 119 3.16 -2.92 13.24
C LEU A 119 2.11 -1.82 13.18
N LEU A 120 2.51 -0.60 13.54
CA LEU A 120 1.59 0.53 13.52
C LEU A 120 1.13 0.87 12.10
N ALA A 121 2.00 0.62 11.13
CA ALA A 121 1.65 0.84 9.74
C ALA A 121 0.58 -0.17 9.32
N GLU A 122 0.83 -1.45 9.60
CA GLU A 122 -0.15 -2.51 9.34
C GLU A 122 -1.50 -2.17 9.99
N HIS A 123 -1.48 -1.87 11.27
CA HIS A 123 -2.68 -1.47 11.97
C HIS A 123 -3.36 -0.25 11.34
N ALA A 124 -2.61 0.83 11.15
CA ALA A 124 -3.20 2.05 10.58
C ALA A 124 -3.92 1.76 9.27
N ARG A 125 -3.27 0.97 8.40
CA ARG A 125 -3.86 0.61 7.12
C ARG A 125 -5.13 -0.24 7.31
N GLU A 126 -5.05 -1.26 8.17
CA GLU A 126 -6.22 -2.10 8.46
C GLU A 126 -7.40 -1.29 9.00
N ALA A 127 -7.11 -0.14 9.58
CA ALA A 127 -8.15 0.70 10.17
C ALA A 127 -8.70 1.74 9.19
N GLY A 128 -8.19 1.76 7.96
CA GLY A 128 -8.74 2.62 6.94
C GLY A 128 -8.06 3.98 6.81
N ALA A 129 -6.87 4.11 7.40
CA ALA A 129 -6.05 5.30 7.14
C ALA A 129 -5.37 5.13 5.79
N GLU A 130 -5.35 6.18 4.97
CA GLU A 130 -4.56 6.13 3.74
C GLU A 130 -3.13 6.58 4.01
N ILE A 131 -2.17 5.72 3.69
CA ILE A 131 -0.76 6.11 3.82
C ILE A 131 -0.12 6.37 2.45
N ARG A 132 0.53 7.51 2.30
CA ARG A 132 1.19 7.86 1.04
C ARG A 132 2.67 8.07 1.30
N ARG A 133 3.47 7.15 0.82
CA ARG A 133 4.92 7.24 0.93
C ARG A 133 5.56 7.95 -0.26
N GLY A 134 6.67 8.62 -0.03
CA GLY A 134 7.25 9.45 -1.06
C GLY A 134 6.40 10.67 -1.39
N HIS A 135 5.56 11.08 -0.45
CA HIS A 135 4.89 12.37 -0.54
C HIS A 135 5.39 13.27 0.59
N GLU A 136 6.21 14.26 0.22
CA GLU A 136 6.77 15.20 1.19
C GLU A 136 5.93 16.46 1.25
N VAL A 137 5.66 16.95 2.45
CA VAL A 137 4.92 18.20 2.59
C VAL A 137 5.90 19.36 2.43
N THR A 138 5.59 20.30 1.54
CA THR A 138 6.50 21.41 1.27
C THR A 138 5.88 22.76 1.65
N GLY A 139 4.56 22.80 1.80
CA GLY A 139 3.85 24.03 2.12
C GLY A 139 2.65 23.85 3.02
N LEU A 140 2.30 24.88 3.79
CA LEU A 140 1.21 24.81 4.74
C LEU A 140 0.55 26.17 4.94
N ARG A 141 -0.76 26.23 4.73
CA ARG A 141 -1.55 27.43 4.95
C ARG A 141 -2.83 27.05 5.70
N GLN A 142 -3.29 27.92 6.55
CA GLN A 142 -4.56 27.72 7.20
C GLN A 142 -5.39 28.98 7.28
N ASP A 143 -6.71 28.82 7.20
CA ASP A 143 -7.65 29.92 7.47
C ASP A 143 -8.71 29.46 8.47
N ALA A 144 -9.78 30.23 8.61
CA ALA A 144 -10.81 29.90 9.58
C ALA A 144 -11.49 28.58 9.26
N GLU A 145 -11.75 28.35 7.97
CA GLU A 145 -12.47 27.16 7.52
C GLU A 145 -11.62 25.89 7.47
N ALA A 146 -10.31 26.00 7.22
CA ALA A 146 -9.51 24.80 6.99
C ALA A 146 -8.00 24.98 6.83
N VAL A 147 -7.31 23.86 6.63
CA VAL A 147 -5.87 23.81 6.43
C VAL A 147 -5.58 23.24 5.04
N GLU A 148 -4.68 23.89 4.31
CA GLU A 148 -4.21 23.39 3.02
C GLU A 148 -2.75 23.02 3.10
N VAL A 149 -2.44 21.79 2.70
CA VAL A 149 -1.06 21.36 2.63
C VAL A 149 -0.60 21.14 1.20
N THR A 150 0.58 21.66 0.89
CA THR A 150 1.24 21.46 -0.40
C THR A 150 2.22 20.29 -0.36
N VAL A 151 2.01 19.35 -1.26
CA VAL A 151 2.74 18.09 -1.22
C VAL A 151 3.47 17.85 -2.55
N ALA A 152 4.67 17.28 -2.45
CA ALA A 152 5.43 16.89 -3.64
C ALA A 152 5.12 15.44 -4.00
N GLY A 153 4.27 15.27 -5.01
CA GLY A 153 3.81 13.95 -5.41
C GLY A 153 4.16 13.54 -6.84
N PRO A 154 3.40 12.58 -7.38
CA PRO A 154 3.64 11.88 -8.65
C PRO A 154 3.64 12.81 -9.86
N SER A 155 2.62 13.64 -9.99
CA SER A 155 2.58 14.63 -11.05
C SER A 155 3.14 15.95 -10.54
N GLY A 156 4.02 15.86 -9.56
CA GLY A 156 4.57 17.05 -8.94
C GLY A 156 3.71 17.51 -7.78
N PRO A 157 3.61 18.84 -7.60
CA PRO A 157 2.91 19.45 -6.47
C PRO A 157 1.40 19.39 -6.55
N TYR A 158 0.78 19.06 -5.41
CA TYR A 158 -0.67 19.14 -5.28
C TYR A 158 -1.04 19.63 -3.87
N ARG A 159 -2.30 20.01 -3.72
CA ARG A 159 -2.78 20.51 -2.45
C ARG A 159 -3.73 19.52 -1.78
N VAL A 160 -3.65 19.46 -0.45
CA VAL A 160 -4.54 18.65 0.34
C VAL A 160 -5.27 19.61 1.28
N ARG A 161 -6.60 19.54 1.30
CA ARG A 161 -7.39 20.35 2.22
C ARG A 161 -7.96 19.48 3.31
N ALA A 162 -7.84 19.93 4.55
CA ALA A 162 -8.29 19.15 5.70
C ALA A 162 -8.77 20.09 6.80
N ARG A 163 -9.53 19.57 7.75
CA ARG A 163 -9.97 20.36 8.90
C ARG A 163 -8.82 20.60 9.86
N TYR A 164 -7.95 19.61 9.99
CA TYR A 164 -6.81 19.72 10.91
C TYR A 164 -5.58 19.06 10.30
N ALA A 165 -4.42 19.62 10.60
CA ALA A 165 -3.15 19.06 10.19
C ALA A 165 -2.28 18.84 11.42
N VAL A 166 -1.70 17.65 11.52
CA VAL A 166 -0.83 17.34 12.65
C VAL A 166 0.57 17.04 12.14
N GLY A 167 1.53 17.78 12.66
CA GLY A 167 2.92 17.54 12.31
C GLY A 167 3.48 16.51 13.24
N CYS A 168 3.63 15.29 12.74
CA CYS A 168 4.43 14.28 13.42
C CYS A 168 5.66 14.02 12.55
N ASP A 169 6.32 15.11 12.12
CA ASP A 169 7.41 14.96 11.15
C ASP A 169 8.81 15.11 11.72
N GLY A 170 9.04 14.63 12.94
CA GLY A 170 10.37 14.56 13.49
C GLY A 170 10.93 15.86 14.04
N GLY A 171 12.11 15.77 14.65
CA GLY A 171 12.79 16.92 15.19
C GLY A 171 12.99 18.07 14.23
N ARG A 172 13.21 17.77 12.95
CA ARG A 172 13.36 18.81 11.92
C ARG A 172 12.03 19.17 11.28
N SER A 173 10.96 19.06 12.06
CA SER A 173 9.60 19.28 11.58
C SER A 173 9.41 20.41 10.56
N THR A 174 8.89 20.08 9.39
CA THR A 174 8.46 21.11 8.44
C THR A 174 7.24 21.85 8.97
N VAL A 175 6.26 21.11 9.48
CA VAL A 175 5.02 21.71 9.94
C VAL A 175 5.25 22.78 11.01
N ARG A 176 6.08 22.47 11.98
CA ARG A 176 6.35 23.36 13.10
C ARG A 176 6.87 24.68 12.59
N ARG A 177 7.91 24.60 11.76
CA ARG A 177 8.56 25.79 11.22
C ARG A 177 7.56 26.62 10.39
N LEU A 178 6.85 25.96 9.48
CA LEU A 178 5.88 26.66 8.64
C LEU A 178 4.65 27.17 9.41
N ALA A 179 4.36 26.61 10.57
CA ALA A 179 3.25 27.11 11.37
C ALA A 179 3.70 28.28 12.24
N GLY A 180 5.01 28.49 12.32
CA GLY A 180 5.55 29.62 13.06
C GLY A 180 5.61 29.38 14.57
N ILE A 181 5.71 28.12 14.95
CA ILE A 181 5.78 27.73 16.34
C ILE A 181 7.25 27.65 16.75
N GLY A 182 7.60 28.35 17.81
CA GLY A 182 8.96 28.35 18.29
C GLY A 182 9.39 27.02 18.87
N PHE A 183 10.69 26.78 18.85
CA PHE A 183 11.27 25.53 19.32
C PHE A 183 12.42 25.87 20.24
N PRO A 184 12.14 26.59 21.34
CA PRO A 184 13.18 26.99 22.29
C PRO A 184 13.84 25.78 22.98
N GLY A 185 15.10 25.95 23.37
CA GLY A 185 15.83 24.91 24.07
C GLY A 185 17.33 25.16 23.98
N THR A 186 18.13 24.15 24.33
CA THR A 186 19.58 24.28 24.28
C THR A 186 20.15 23.66 23.01
N GLU A 187 21.40 23.99 22.69
CA GLU A 187 22.09 23.34 21.59
C GLU A 187 22.91 22.20 22.17
N ALA A 188 23.30 21.24 21.32
CA ALA A 188 24.04 20.07 21.79
C ALA A 188 25.46 20.42 22.21
N THR A 189 25.93 19.80 23.29
CA THR A 189 27.32 19.92 23.71
C THR A 189 27.93 18.53 23.86
N VAL A 190 27.06 17.53 23.95
CA VAL A 190 27.46 16.13 24.05
C VAL A 190 27.39 15.50 22.67
N ARG A 191 28.47 14.83 22.27
CA ARG A 191 28.50 14.17 20.97
C ARG A 191 28.55 12.67 21.18
N ALA A 192 27.57 11.95 20.66
CA ALA A 192 27.55 10.50 20.75
C ALA A 192 27.61 9.85 19.37
N LEU A 193 28.30 8.72 19.30
CA LEU A 193 28.30 7.87 18.12
C LEU A 193 27.73 6.51 18.50
N ILE A 194 26.93 5.94 17.61
CA ILE A 194 26.39 4.59 17.82
C ILE A 194 26.49 3.79 16.53
N GLY A 195 26.89 2.54 16.64
CA GLY A 195 27.00 1.71 15.46
C GLY A 195 26.86 0.23 15.76
N TYR A 196 26.26 -0.50 14.82
CA TYR A 196 26.28 -1.95 14.87
C TYR A 196 27.34 -2.44 13.91
N VAL A 197 28.46 -2.91 14.48
CA VAL A 197 29.59 -3.36 13.66
C VAL A 197 30.21 -4.65 14.23
N THR A 198 30.88 -5.39 13.35
CA THR A 198 31.56 -6.62 13.75
C THR A 198 32.96 -6.32 14.28
N THR A 199 33.51 -7.23 15.09
CA THR A 199 34.85 -7.04 15.64
C THR A 199 35.62 -8.34 15.86
N PRO A 200 36.92 -8.33 15.52
CA PRO A 200 37.87 -9.41 15.77
C PRO A 200 38.49 -9.33 17.16
N GLU A 201 37.68 -9.63 18.18
CA GLU A 201 38.16 -9.77 19.55
C GLU A 201 37.16 -10.64 20.29
N ARG A 202 37.66 -11.41 21.26
CA ARG A 202 36.81 -12.37 21.94
C ARG A 202 36.85 -12.15 23.45
N GLU A 203 35.79 -12.55 24.14
CA GLU A 203 35.63 -12.31 25.57
C GLU A 203 35.67 -10.81 25.86
N VAL A 204 35.09 -10.03 24.94
CA VAL A 204 35.04 -8.57 25.09
C VAL A 204 33.94 -8.17 26.06
N PRO A 205 34.31 -7.45 27.13
CA PRO A 205 33.43 -7.11 28.25
C PRO A 205 32.18 -6.36 27.81
N ARG A 206 31.04 -7.04 27.83
CA ARG A 206 29.76 -6.40 27.52
C ARG A 206 29.35 -5.49 28.68
N ARG A 207 30.13 -4.44 28.90
CA ARG A 207 29.94 -3.54 30.03
C ARG A 207 29.56 -2.12 29.59
N TRP A 208 28.84 -1.42 30.44
CA TRP A 208 28.61 0.01 30.31
C TRP A 208 29.60 0.68 31.24
N GLU A 209 30.51 1.50 30.71
CA GLU A 209 31.53 2.10 31.57
C GLU A 209 31.75 3.59 31.39
N ARG A 210 31.93 4.28 32.51
CA ARG A 210 32.40 5.65 32.51
C ARG A 210 33.92 5.60 32.60
N THR A 211 34.59 6.45 31.84
CA THR A 211 36.03 6.65 32.02
C THR A 211 36.28 8.14 32.23
N PRO A 212 37.54 8.53 32.46
CA PRO A 212 37.89 9.95 32.57
C PRO A 212 37.54 10.78 31.33
N ASP A 213 37.42 10.13 30.18
CA ASP A 213 37.22 10.86 28.92
C ASP A 213 35.90 10.53 28.21
N GLY A 214 34.98 9.86 28.89
CA GLY A 214 33.67 9.63 28.31
C GLY A 214 32.99 8.33 28.68
N ILE A 215 31.93 8.00 27.94
CA ILE A 215 31.16 6.81 28.23
C ILE A 215 31.22 5.82 27.07
N LEU A 216 31.43 4.55 27.41
CA LEU A 216 31.56 3.50 26.42
C LEU A 216 30.62 2.36 26.74
N VAL A 217 29.85 1.94 25.75
CA VAL A 217 28.95 0.81 25.90
C VAL A 217 29.22 -0.24 24.82
N LEU A 218 29.92 -1.30 25.20
CA LEU A 218 30.27 -2.38 24.27
C LEU A 218 29.38 -3.59 24.46
N ALA A 219 28.80 -4.09 23.36
CA ALA A 219 27.93 -5.26 23.42
C ALA A 219 28.27 -6.27 22.33
N PHE A 220 29.28 -7.11 22.59
CA PHE A 220 29.71 -8.09 21.61
C PHE A 220 29.71 -9.53 22.16
N PRO A 221 29.16 -10.47 21.38
CA PRO A 221 29.24 -11.89 21.74
C PRO A 221 30.69 -12.27 21.98
N PRO A 222 30.93 -13.09 23.01
CA PRO A 222 32.29 -13.48 23.43
C PRO A 222 33.11 -14.07 22.28
N GLU A 223 32.46 -14.54 21.23
CA GLU A 223 33.17 -15.11 20.09
C GLU A 223 33.74 -14.02 19.18
N GLY A 224 33.11 -12.84 19.22
CA GLY A 224 33.43 -11.78 18.30
C GLY A 224 32.32 -11.69 17.28
N GLY A 225 32.36 -10.66 16.42
CA GLY A 225 31.35 -10.49 15.40
C GLY A 225 30.46 -9.29 15.63
N LEU A 226 29.29 -9.29 15.01
CA LEU A 226 28.36 -8.16 15.06
C LEU A 226 27.99 -7.79 16.50
N GLY A 227 28.11 -6.50 16.81
CA GLY A 227 27.81 -6.01 18.13
C GLY A 227 27.44 -4.53 18.12
N ARG A 228 26.94 -4.04 19.26
CA ARG A 228 26.53 -2.65 19.38
C ARG A 228 27.58 -1.83 20.10
N VAL A 229 27.98 -0.71 19.49
CA VAL A 229 28.87 0.22 20.14
C VAL A 229 28.18 1.56 20.32
N VAL A 230 28.32 2.13 21.50
CA VAL A 230 27.86 3.49 21.78
C VAL A 230 29.01 4.20 22.47
N VAL A 231 29.42 5.35 21.96
CA VAL A 231 30.46 6.12 22.63
C VAL A 231 29.99 7.56 22.80
N ILE A 232 30.20 8.10 24.01
CA ILE A 232 29.70 9.43 24.33
C ILE A 232 30.80 10.34 24.87
N GLU A 233 30.89 11.54 24.32
CA GLU A 233 31.92 12.47 24.75
C GLU A 233 31.33 13.84 25.08
N TYR A 234 31.76 14.41 26.22
CA TYR A 234 31.37 15.77 26.60
C TYR A 234 32.43 16.77 26.14
N GLU A 243 24.99 16.32 13.74
CA GLU A 243 24.59 15.79 12.45
C GLU A 243 25.80 15.64 11.51
N GLY A 244 25.63 14.86 10.45
CA GLY A 244 26.71 14.61 9.50
C GLY A 244 27.01 13.13 9.36
N PRO A 245 27.81 12.75 8.34
CA PRO A 245 28.06 11.34 8.05
C PRO A 245 29.11 10.74 8.99
N VAL A 246 28.84 9.55 9.51
CA VAL A 246 29.78 8.85 10.40
C VAL A 246 30.47 7.74 9.62
N THR A 247 31.78 7.58 9.83
CA THR A 247 32.51 6.48 9.20
C THR A 247 32.91 5.44 10.25
N LEU A 248 33.23 4.23 9.79
CA LEU A 248 33.74 3.20 10.69
C LEU A 248 35.04 3.67 11.33
N GLU A 249 35.71 4.63 10.69
CA GLU A 249 36.94 5.19 11.20
C GLU A 249 36.69 6.18 12.34
N ASP A 250 35.66 7.01 12.19
CA ASP A 250 35.27 7.95 13.25
C ASP A 250 34.94 7.18 14.52
N LEU A 251 34.08 6.19 14.37
CA LEU A 251 33.67 5.33 15.46
C LEU A 251 34.90 4.73 16.13
N GLY A 252 35.72 4.04 15.34
CA GLY A 252 36.94 3.42 15.82
C GLY A 252 37.83 4.38 16.60
N ALA A 253 37.98 5.59 16.10
CA ALA A 253 38.81 6.59 16.76
C ALA A 253 38.21 7.02 18.11
N ALA A 254 36.92 7.39 18.09
CA ALA A 254 36.24 7.85 19.30
C ALA A 254 36.33 6.80 20.39
N VAL A 255 36.04 5.55 20.05
CA VAL A 255 36.19 4.46 20.99
C VAL A 255 37.57 4.46 21.62
N ALA A 256 38.60 4.79 20.84
CA ALA A 256 39.97 4.80 21.34
C ALA A 256 40.20 5.91 22.35
N ARG A 257 39.76 7.13 22.02
CA ARG A 257 39.92 8.26 22.94
C ARG A 257 39.28 7.98 24.31
N VAL A 258 38.12 7.34 24.28
CA VAL A 258 37.35 7.11 25.49
C VAL A 258 37.88 5.93 26.28
N ARG A 259 38.26 4.88 25.55
CA ARG A 259 38.62 3.62 26.18
C ARG A 259 40.10 3.56 26.57
N GLY A 260 40.93 4.32 25.87
CA GLY A 260 42.37 4.22 26.06
C GLY A 260 43.00 3.33 25.01
N THR A 261 42.88 2.02 25.19
CA THR A 261 43.35 1.07 24.20
C THR A 261 42.39 0.95 23.02
N PRO A 262 42.91 1.10 21.80
CA PRO A 262 42.09 1.04 20.59
C PRO A 262 41.37 -0.30 20.47
N LEU A 263 40.26 -0.29 19.74
CA LEU A 263 39.49 -1.51 19.50
C LEU A 263 39.32 -1.72 17.99
N THR A 264 39.57 -2.94 17.53
CA THR A 264 39.50 -3.24 16.10
C THR A 264 38.08 -3.44 15.60
N LEU A 265 37.54 -2.41 14.94
CA LEU A 265 36.24 -2.50 14.31
C LEU A 265 36.43 -2.67 12.80
N THR A 266 35.67 -3.58 12.21
CA THR A 266 35.79 -3.87 10.80
C THR A 266 34.41 -4.08 10.22
N GLU A 267 34.31 -4.10 8.89
CA GLU A 267 33.05 -4.46 8.24
C GLU A 267 32.76 -5.94 8.53
N PRO A 268 31.51 -6.38 8.35
CA PRO A 268 30.35 -5.63 7.86
C PRO A 268 29.81 -4.62 8.87
N VAL A 269 29.51 -3.42 8.38
CA VAL A 269 28.84 -2.41 9.17
C VAL A 269 27.34 -2.39 8.85
N SER A 270 26.53 -2.71 9.85
CA SER A 270 25.08 -2.76 9.68
C SER A 270 24.41 -1.41 9.91
N TRP A 271 25.08 -0.54 10.68
CA TRP A 271 24.54 0.77 11.01
C TRP A 271 25.61 1.68 11.66
N LEU A 272 25.61 2.95 11.25
CA LEU A 272 26.51 3.96 11.80
C LEU A 272 25.80 5.30 11.88
N SER A 273 25.77 5.90 13.07
CA SER A 273 25.03 7.14 13.25
C SER A 273 25.56 7.97 14.40
N ARG A 274 25.16 9.24 14.43
CA ARG A 274 25.53 10.13 15.52
C ARG A 274 24.30 10.82 16.10
N PHE A 275 24.39 11.25 17.35
CA PHE A 275 23.32 12.00 17.98
C PHE A 275 23.90 12.85 19.11
N GLY A 276 23.15 13.84 19.57
CA GLY A 276 23.60 14.73 20.62
C GLY A 276 22.48 15.07 21.60
N ASP A 277 22.74 16.01 22.49
CA ASP A 277 21.81 16.34 23.56
C ASP A 277 21.11 17.70 23.40
N ALA A 278 20.96 18.17 22.16
CA ALA A 278 20.11 19.33 21.93
C ALA A 278 18.77 19.04 22.61
N SER A 279 18.30 19.94 23.46
CA SER A 279 17.06 19.72 24.24
C SER A 279 16.03 20.80 23.93
N ARG A 280 15.09 20.50 23.05
CA ARG A 280 14.14 21.50 22.57
C ARG A 280 12.68 21.05 22.64
N GLN A 281 11.78 22.01 22.82
CA GLN A 281 10.35 21.73 22.87
C GLN A 281 9.49 22.80 22.15
N ALA A 282 8.47 22.38 21.41
CA ALA A 282 7.57 23.35 20.77
C ALA A 282 6.91 24.22 21.85
N LYS A 283 6.91 25.53 21.63
CA LYS A 283 6.33 26.43 22.62
C LYS A 283 4.83 26.22 22.69
N ARG A 284 4.23 25.86 21.56
CA ARG A 284 2.81 25.58 21.47
C ARG A 284 2.60 24.24 20.79
N TYR A 285 1.75 23.37 21.35
CA TYR A 285 1.43 22.11 20.67
C TYR A 285 0.28 22.31 19.70
N ARG A 286 -0.30 23.51 19.68
CA ARG A 286 -1.44 23.79 18.83
C ARG A 286 -1.48 25.23 18.35
N SER A 287 -1.71 25.40 17.05
CA SER A 287 -1.89 26.73 16.49
C SER A 287 -3.07 26.66 15.53
N GLY A 288 -4.26 26.99 16.05
CA GLY A 288 -5.47 26.92 15.25
C GLY A 288 -5.74 25.50 14.82
N ARG A 289 -5.71 25.26 13.52
CA ARG A 289 -6.02 23.93 12.97
C ARG A 289 -4.76 23.08 12.80
N VAL A 290 -3.62 23.55 13.29
CA VAL A 290 -2.38 22.77 13.19
C VAL A 290 -1.91 22.34 14.56
N LEU A 291 -1.55 21.06 14.70
CA LEU A 291 -0.99 20.57 15.95
C LEU A 291 0.27 19.71 15.75
N LEU A 292 1.06 19.55 16.81
CA LEU A 292 2.31 18.82 16.74
C LEU A 292 2.32 17.63 17.69
N ALA A 293 3.00 16.56 17.31
CA ALA A 293 3.18 15.43 18.22
C ALA A 293 4.53 14.76 18.02
N GLY A 294 5.03 14.08 19.05
CA GLY A 294 6.26 13.32 18.91
C GLY A 294 7.49 14.21 18.84
N ASP A 295 8.51 13.78 18.12
CA ASP A 295 9.75 14.58 18.03
C ASP A 295 9.54 15.95 17.39
N ALA A 296 8.53 16.08 16.54
CA ALA A 296 8.12 17.40 16.06
C ALA A 296 7.87 18.34 17.24
N ALA A 297 7.41 17.80 18.37
CA ALA A 297 7.10 18.61 19.55
C ALA A 297 8.21 18.68 20.62
N HIS A 298 9.14 17.74 20.58
CA HIS A 298 10.22 17.72 21.58
C HIS A 298 11.40 16.83 21.19
N VAL A 299 12.61 17.32 21.41
CA VAL A 299 13.81 16.51 21.21
C VAL A 299 14.73 16.57 22.43
N HIS A 300 15.52 15.52 22.62
CA HIS A 300 16.37 15.42 23.79
C HIS A 300 17.30 14.23 23.60
N PHE A 301 18.35 14.19 24.40
CA PHE A 301 19.28 13.06 24.38
C PHE A 301 18.50 11.79 24.71
N PRO A 302 18.81 10.69 24.02
CA PRO A 302 18.02 9.45 24.16
C PRO A 302 18.39 8.61 25.38
N ILE A 303 18.69 9.24 26.51
CA ILE A 303 19.08 8.51 27.70
C ILE A 303 17.89 7.95 28.48
N GLY A 304 17.85 6.63 28.63
CA GLY A 304 16.74 6.00 29.32
C GLY A 304 15.57 5.65 28.41
N GLY A 305 15.73 5.82 27.11
CA GLY A 305 14.73 5.39 26.13
C GLY A 305 13.32 5.91 26.40
N GLN A 306 13.17 7.23 26.35
CA GLN A 306 11.92 7.89 26.72
C GLN A 306 11.24 8.59 25.56
N GLY A 307 11.99 8.85 24.49
CA GLY A 307 11.49 9.67 23.40
C GLY A 307 10.25 9.15 22.68
N LEU A 308 10.33 7.95 22.13
CA LEU A 308 9.20 7.36 21.43
C LEU A 308 8.02 7.08 22.38
N ASN A 309 8.32 6.68 23.61
CA ASN A 309 7.30 6.47 24.63
C ASN A 309 6.42 7.72 24.77
N THR A 310 7.06 8.85 25.01
CA THR A 310 6.40 10.15 25.11
C THR A 310 5.57 10.45 23.85
N GLY A 311 6.16 10.24 22.68
CA GLY A 311 5.47 10.48 21.43
C GLY A 311 4.24 9.61 21.19
N LEU A 312 4.32 8.33 21.55
CA LEU A 312 3.22 7.42 21.32
C LEU A 312 2.07 7.81 22.23
N GLN A 313 2.42 8.27 23.42
CA GLN A 313 1.40 8.67 24.38
C GLN A 313 0.86 10.05 24.04
N ASP A 314 1.68 10.87 23.35
CA ASP A 314 1.19 12.15 22.84
C ASP A 314 0.05 11.80 21.91
N ALA A 315 0.27 10.82 21.06
CA ALA A 315 -0.68 10.51 20.00
C ALA A 315 -2.02 9.95 20.57
N VAL A 316 -1.93 9.07 21.55
CA VAL A 316 -3.16 8.52 22.14
C VAL A 316 -3.92 9.60 22.90
N ASN A 317 -3.21 10.55 23.47
CA ASN A 317 -3.84 11.69 24.11
C ASN A 317 -4.61 12.56 23.10
N LEU A 318 -4.02 12.78 21.93
CA LEU A 318 -4.58 13.68 20.94
C LEU A 318 -5.64 13.04 20.05
N GLY A 319 -5.43 11.76 19.71
CA GLY A 319 -6.25 11.08 18.72
C GLY A 319 -7.75 11.20 18.95
N TRP A 320 -8.17 10.88 20.17
CA TRP A 320 -9.60 10.87 20.48
C TRP A 320 -10.15 12.27 20.71
N LYS A 321 -9.32 13.18 21.23
CA LYS A 321 -9.70 14.58 21.37
C LYS A 321 -9.92 15.22 20.00
N LEU A 322 -9.01 14.90 19.07
CA LEU A 322 -9.06 15.42 17.73
C LEU A 322 -10.22 14.83 16.95
N ALA A 323 -10.42 13.52 17.05
CA ALA A 323 -11.56 12.87 16.40
C ALA A 323 -12.87 13.44 16.94
N ALA A 324 -12.95 13.63 18.26
CA ALA A 324 -14.13 14.21 18.90
C ALA A 324 -14.40 15.66 18.44
N ARG A 325 -13.34 16.43 18.21
CA ARG A 325 -13.52 17.80 17.71
C ARG A 325 -14.11 17.79 16.30
N VAL A 326 -13.54 16.96 15.43
CA VAL A 326 -14.03 16.81 14.06
C VAL A 326 -15.52 16.41 14.03
N ARG A 327 -15.91 15.45 14.85
CA ARG A 327 -17.30 14.98 14.86
C ARG A 327 -18.30 15.91 15.59
N GLY A 328 -17.78 16.93 16.28
CA GLY A 328 -18.61 17.99 16.81
C GLY A 328 -18.94 17.96 18.30
N TRP A 329 -18.61 16.88 18.98
CA TRP A 329 -18.92 16.81 20.39
C TRP A 329 -17.77 17.16 21.33
N GLY A 330 -16.56 17.17 20.79
CA GLY A 330 -15.39 17.65 21.53
C GLY A 330 -15.34 19.17 21.44
N SER A 331 -15.12 19.81 22.57
CA SER A 331 -15.08 21.27 22.59
C SER A 331 -13.67 21.77 22.18
N GLU A 332 -13.59 23.06 21.84
CA GLU A 332 -12.29 23.72 21.67
C GLU A 332 -11.46 23.56 22.94
N GLU A 333 -12.09 23.83 24.08
CA GLU A 333 -11.44 23.72 25.39
C GLU A 333 -10.83 22.34 25.55
N LEU A 334 -11.55 21.32 25.10
CA LEU A 334 -11.09 19.95 25.20
C LEU A 334 -9.81 19.79 24.39
N LEU A 335 -9.90 20.17 23.13
CA LEU A 335 -8.75 20.11 22.25
C LEU A 335 -7.58 20.87 22.88
N ASP A 336 -7.85 22.00 23.53
CA ASP A 336 -6.81 22.76 24.23
C ASP A 336 -6.11 21.97 25.33
N THR A 337 -6.78 20.97 25.88
CA THR A 337 -6.18 20.21 26.96
C THR A 337 -5.04 19.32 26.45
N TYR A 338 -4.94 19.14 25.14
CA TYR A 338 -3.81 18.41 24.56
C TYR A 338 -2.47 19.07 24.94
N HIS A 339 -2.29 20.33 24.52
CA HIS A 339 -1.12 21.12 24.94
C HIS A 339 -0.96 21.19 26.46
N ASP A 340 -2.03 21.58 27.15
CA ASP A 340 -1.98 21.81 28.59
C ASP A 340 -1.50 20.56 29.33
N GLU A 341 -1.90 19.38 28.85
CA GLU A 341 -1.52 18.13 29.49
C GLU A 341 -0.16 17.57 29.04
N ARG A 342 0.08 17.57 27.73
CA ARG A 342 1.25 16.86 27.20
C ARG A 342 2.51 17.69 27.25
N HIS A 343 2.36 19.01 27.16
CA HIS A 343 3.54 19.89 27.22
C HIS A 343 4.29 19.79 28.56
N PRO A 344 3.57 19.80 29.69
CA PRO A 344 4.30 19.62 30.94
C PRO A 344 5.03 18.27 31.00
N VAL A 345 4.48 17.26 30.34
CA VAL A 345 5.08 15.93 30.46
C VAL A 345 6.44 15.89 29.73
N ALA A 346 6.48 16.38 28.50
CA ALA A 346 7.72 16.36 27.74
C ALA A 346 8.76 17.31 28.35
N GLU A 347 8.31 18.42 28.91
CA GLU A 347 9.18 19.37 29.57
C GLU A 347 9.97 18.70 30.69
N ARG A 348 9.30 17.83 31.44
CA ARG A 348 9.94 17.07 32.49
C ARG A 348 10.88 15.98 31.96
N VAL A 349 10.52 15.34 30.84
CA VAL A 349 11.43 14.38 30.21
C VAL A 349 12.75 15.04 29.79
N LEU A 350 12.64 16.23 29.20
CA LEU A 350 13.84 16.99 28.82
C LEU A 350 14.75 17.29 30.02
N LEU A 351 14.16 17.84 31.07
CA LEU A 351 14.90 18.11 32.29
C LEU A 351 15.58 16.86 32.82
N ASN A 352 14.89 15.71 32.80
CA ASN A 352 15.48 14.51 33.40
C ASN A 352 16.61 13.90 32.58
N THR A 353 16.55 14.03 31.26
CA THR A 353 17.66 13.55 30.46
C THR A 353 18.88 14.43 30.67
N ARG A 354 18.65 15.74 30.74
CA ARG A 354 19.74 16.68 31.02
C ARG A 354 20.35 16.42 32.40
N ALA A 355 19.49 16.21 33.40
CA ALA A 355 19.95 15.87 34.75
C ALA A 355 20.74 14.55 34.75
N GLN A 356 20.28 13.57 33.99
CA GLN A 356 20.99 12.30 33.93
C GLN A 356 22.37 12.49 33.31
N LEU A 357 22.45 13.32 32.27
CA LEU A 357 23.76 13.64 31.69
C LEU A 357 24.74 14.20 32.73
N ALA A 358 24.26 15.09 33.60
CA ALA A 358 25.08 15.57 34.71
C ALA A 358 25.58 14.43 35.59
N LEU A 359 24.71 13.46 35.87
CA LEU A 359 25.06 12.33 36.73
C LEU A 359 26.07 11.37 36.12
N MET A 360 26.08 11.32 34.83
CA MET A 360 26.96 10.46 34.12
C MET A 360 28.25 11.16 33.67
N ARG A 361 28.36 12.45 33.87
CA ARG A 361 29.50 13.20 33.41
C ARG A 361 30.77 12.46 33.77
N PRO A 362 31.65 12.26 32.81
CA PRO A 362 32.89 11.56 33.07
C PRO A 362 33.82 12.45 33.85
N ASP A 363 34.00 12.15 35.11
CA ASP A 363 34.63 13.07 36.00
C ASP A 363 34.91 12.43 37.37
N GLU A 364 36.12 11.97 37.61
CA GLU A 364 36.37 11.29 38.86
C GLU A 364 36.45 12.17 40.07
N GLN A 365 36.66 13.44 39.90
CA GLN A 365 36.89 14.28 41.00
C GLN A 365 35.63 14.58 41.81
N HIS A 366 34.53 14.85 41.13
CA HIS A 366 33.32 15.20 41.85
C HIS A 366 32.13 14.28 41.54
N THR A 367 31.94 13.95 40.27
CA THR A 367 30.75 13.23 39.85
C THR A 367 30.76 11.76 40.27
N THR A 368 31.93 11.15 40.31
CA THR A 368 32.01 9.80 40.84
C THR A 368 31.48 9.69 42.28
N PRO A 369 32.02 10.51 43.23
CA PRO A 369 31.47 10.56 44.59
C PRO A 369 29.99 10.90 44.64
N LEU A 370 29.53 11.79 43.75
CA LEU A 370 28.11 12.12 43.73
C LEU A 370 27.24 10.90 43.35
N ARG A 371 27.75 10.11 42.40
CA ARG A 371 27.07 8.88 41.98
C ARG A 371 26.96 7.87 43.13
N GLY A 372 27.97 7.82 43.99
CA GLY A 372 27.90 6.97 45.17
C GLY A 372 26.69 7.27 46.03
N PHE A 373 26.41 8.56 46.24
CA PHE A 373 25.32 8.95 47.12
C PHE A 373 23.98 8.73 46.45
N VAL A 374 23.91 8.99 45.15
CA VAL A 374 22.67 8.71 44.42
C VAL A 374 22.34 7.22 44.48
N GLU A 375 23.36 6.39 44.33
CA GLU A 375 23.20 4.94 44.41
C GLU A 375 22.62 4.49 45.76
N GLU A 376 23.16 5.02 46.87
CA GLU A 376 22.59 4.73 48.19
C GLU A 376 21.12 5.03 48.18
N LEU A 377 20.76 6.21 47.66
CA LEU A 377 19.38 6.67 47.67
C LEU A 377 18.48 5.76 46.86
N LEU A 378 18.97 5.30 45.71
CA LEU A 378 18.19 4.38 44.87
C LEU A 378 17.92 3.03 45.58
N GLY A 379 18.67 2.77 46.64
CA GLY A 379 18.46 1.59 47.44
C GLY A 379 17.26 1.71 48.36
N THR A 380 16.72 2.91 48.47
CA THR A 380 15.50 3.12 49.24
C THR A 380 14.28 3.06 48.32
N ASP A 381 13.21 2.41 48.78
CA ASP A 381 12.00 2.23 47.96
C ASP A 381 11.40 3.56 47.50
N GLU A 382 11.35 4.54 48.40
CA GLU A 382 10.68 5.80 48.09
C GLU A 382 11.38 6.53 46.93
N VAL A 383 12.71 6.69 47.05
CA VAL A 383 13.45 7.35 45.99
C VAL A 383 13.46 6.53 44.71
N ASN A 384 13.59 5.22 44.86
CA ASN A 384 13.59 4.34 43.71
C ASN A 384 12.27 4.42 42.96
N ARG A 385 11.17 4.40 43.71
CA ARG A 385 9.85 4.56 43.13
C ARG A 385 9.76 5.90 42.42
N TYR A 386 10.42 6.91 42.99
CA TYR A 386 10.40 8.24 42.42
C TYR A 386 10.95 8.23 40.99
N PHE A 387 12.15 7.70 40.82
CA PHE A 387 12.80 7.65 39.51
C PHE A 387 12.16 6.63 38.57
N THR A 388 11.75 5.48 39.12
CA THR A 388 11.07 4.50 38.30
C THR A 388 9.85 5.13 37.66
N GLY A 389 9.04 5.81 38.46
CA GLY A 389 7.84 6.44 37.96
C GLY A 389 8.14 7.47 36.90
N MET A 390 9.24 8.18 37.09
CA MET A 390 9.67 9.23 36.15
C MET A 390 10.03 8.63 34.79
N ILE A 391 10.87 7.59 34.79
CA ILE A 391 11.34 7.01 33.53
C ILE A 391 10.29 6.18 32.79
N THR A 392 9.42 5.49 33.53
CA THR A 392 8.50 4.55 32.91
C THR A 392 7.17 5.17 32.51
N GLY A 393 6.94 6.40 32.96
CA GLY A 393 5.68 7.10 32.71
C GLY A 393 4.56 6.80 33.68
N THR A 394 4.79 5.92 34.65
CA THR A 394 3.71 5.54 35.57
C THR A 394 3.27 6.67 36.51
N ASP A 395 4.07 7.74 36.58
CA ASP A 395 3.73 8.88 37.43
C ASP A 395 2.95 9.98 36.69
N VAL A 396 2.63 9.74 35.41
CA VAL A 396 1.89 10.72 34.64
C VAL A 396 0.44 10.72 35.12
N ARG A 397 -0.01 11.86 35.64
CA ARG A 397 -1.44 12.11 35.85
C ARG A 397 -1.78 13.56 35.49
N TYR A 398 -3.02 13.80 35.06
CA TYR A 398 -3.43 15.10 34.55
C TYR A 398 -4.26 15.91 35.55
N ALA A 399 -4.24 17.23 35.40
CA ALA A 399 -4.96 18.12 36.32
C ALA A 399 -5.96 18.98 35.56
N THR A 400 -6.73 18.32 34.70
CA THR A 400 -7.58 19.02 33.77
C THR A 400 -8.97 19.23 34.33
N PHE A 401 -9.55 20.39 34.02
CA PHE A 401 -10.94 20.69 34.38
C PHE A 401 -11.24 20.62 35.88
N ALA A 402 -10.24 20.88 36.71
CA ALA A 402 -10.43 20.88 38.16
C ALA A 402 -11.37 22.00 38.61
N PRO A 403 -12.01 21.82 39.77
CA PRO A 403 -12.72 22.93 40.40
C PRO A 403 -11.74 24.09 40.71
N ALA A 404 -12.19 25.34 40.79
CA ALA A 404 -13.59 25.78 40.77
C ALA A 404 -14.30 25.61 42.12
N ALA A 407 -12.57 25.06 46.13
CA ALA A 407 -12.93 23.64 46.23
C ALA A 407 -11.78 22.75 45.74
N ARG A 408 -11.97 21.45 45.86
CA ARG A 408 -10.95 20.47 45.47
C ARG A 408 -11.56 19.31 44.69
N PRO A 409 -10.77 18.71 43.76
CA PRO A 409 -11.26 17.62 42.92
C PRO A 409 -11.03 16.25 43.56
N HIS A 410 -11.74 15.23 43.08
CA HIS A 410 -11.62 13.88 43.61
C HIS A 410 -10.20 13.34 43.43
N PRO A 411 -9.68 12.64 44.46
CA PRO A 411 -8.33 12.07 44.42
C PRO A 411 -8.02 11.23 43.18
N TRP A 412 -9.03 10.74 42.49
CA TRP A 412 -8.81 9.88 41.33
C TRP A 412 -8.83 10.62 40.00
N ALA A 413 -9.38 11.84 40.00
CA ALA A 413 -9.40 12.66 38.80
C ALA A 413 -7.98 12.79 38.25
N GLY A 414 -7.84 12.50 36.96
CA GLY A 414 -6.57 12.68 36.27
C GLY A 414 -5.64 11.48 36.35
N ARG A 415 -5.98 10.54 37.21
CA ARG A 415 -5.20 9.32 37.36
C ARG A 415 -5.50 8.32 36.24
N PHE A 416 -4.53 7.43 36.03
CA PHE A 416 -4.62 6.35 35.04
C PHE A 416 -5.39 5.11 35.57
N ALA A 417 -6.48 4.76 34.89
CA ALA A 417 -7.34 3.66 35.32
C ALA A 417 -7.28 2.48 34.36
N GLY A 418 -6.46 2.59 33.32
CA GLY A 418 -6.36 1.54 32.31
C GLY A 418 -5.90 0.18 32.85
N GLY A 419 -5.31 0.17 34.04
CA GLY A 419 -4.83 -1.07 34.63
C GLY A 419 -5.80 -1.68 35.63
N LEU A 420 -6.94 -1.04 35.86
CA LEU A 420 -7.94 -1.61 36.78
C LEU A 420 -8.60 -2.86 36.20
N VAL A 421 -8.90 -3.82 37.08
CA VAL A 421 -9.63 -5.01 36.68
C VAL A 421 -10.87 -5.19 37.58
N LEU A 422 -12.04 -5.20 36.96
CA LEU A 422 -13.29 -5.33 37.72
C LEU A 422 -13.66 -6.80 37.92
N SER A 423 -14.64 -7.02 38.79
CA SER A 423 -15.30 -8.32 38.87
C SER A 423 -16.66 -8.20 38.22
N GLY A 424 -16.95 -9.10 37.27
CA GLY A 424 -18.20 -9.10 36.55
C GLY A 424 -19.33 -9.79 37.30
N PRO A 425 -20.55 -9.69 36.77
CA PRO A 425 -21.76 -10.30 37.35
C PRO A 425 -21.53 -11.68 37.95
N SER A 426 -20.70 -12.50 37.31
CA SER A 426 -20.50 -13.88 37.73
C SER A 426 -19.09 -14.19 38.27
N GLY A 427 -18.39 -13.14 38.70
CA GLY A 427 -17.06 -13.32 39.30
C GLY A 427 -15.88 -13.24 38.33
N GLU A 428 -16.15 -13.43 37.04
CA GLU A 428 -15.11 -13.38 36.03
C GLU A 428 -14.49 -11.98 35.96
N PRO A 429 -13.17 -11.91 35.77
CA PRO A 429 -12.47 -10.62 35.63
C PRO A 429 -12.93 -9.81 34.41
N VAL A 430 -12.89 -8.49 34.53
CA VAL A 430 -13.19 -7.59 33.42
C VAL A 430 -12.11 -6.50 33.39
N PRO A 431 -11.04 -6.72 32.62
CA PRO A 431 -9.97 -5.72 32.58
C PRO A 431 -10.46 -4.42 31.97
N VAL A 432 -10.28 -3.29 32.63
CA VAL A 432 -10.70 -2.03 32.05
C VAL A 432 -9.99 -1.82 30.71
N ALA A 433 -8.77 -2.36 30.59
CA ALA A 433 -8.05 -2.27 29.32
C ALA A 433 -8.86 -2.79 28.12
N GLU A 434 -9.55 -3.92 28.30
CA GLU A 434 -10.32 -4.52 27.20
C GLU A 434 -11.60 -3.75 26.88
N LEU A 435 -12.16 -3.07 27.89
CA LEU A 435 -13.35 -2.26 27.68
C LEU A 435 -13.04 -1.01 26.85
N LEU A 436 -11.86 -0.42 27.05
CA LEU A 436 -11.44 0.82 26.39
C LEU A 436 -11.05 0.60 24.94
N ARG A 437 -11.03 -0.66 24.52
CA ARG A 437 -10.55 -0.98 23.18
C ARG A 437 -11.42 -0.43 22.07
N SER A 438 -12.61 0.00 22.42
CA SER A 438 -13.50 0.61 21.44
C SER A 438 -13.22 2.11 21.28
N ALA A 439 -12.28 2.63 22.07
CA ALA A 439 -11.97 4.05 22.07
C ALA A 439 -13.17 4.94 22.40
N ARG A 440 -14.01 4.48 23.32
CA ARG A 440 -15.12 5.26 23.85
C ARG A 440 -14.89 5.54 25.34
N PRO A 441 -15.36 6.70 25.80
CA PRO A 441 -15.37 6.96 27.25
C PRO A 441 -16.14 5.86 27.98
N LEU A 442 -15.79 5.58 29.23
CA LEU A 442 -16.51 4.62 30.06
C LEU A 442 -16.96 5.26 31.35
N LEU A 443 -18.20 4.97 31.77
CA LEU A 443 -18.58 5.25 33.15
C LEU A 443 -18.52 3.92 33.90
N LEU A 444 -17.53 3.77 34.79
CA LEU A 444 -17.43 2.57 35.61
C LEU A 444 -18.17 2.78 36.92
N ASP A 445 -19.14 1.94 37.17
CA ASP A 445 -19.92 1.99 38.38
C ASP A 445 -19.42 0.95 39.38
N LEU A 446 -18.62 1.40 40.30
CA LEU A 446 -17.87 0.51 41.15
C LEU A 446 -18.61 0.06 42.40
N ALA A 447 -19.72 0.70 42.69
CA ALA A 447 -20.43 0.52 43.93
C ALA A 447 -21.95 0.62 43.85
N GLY A 448 -22.58 0.29 42.76
CA GLY A 448 -24.01 0.54 42.67
C GLY A 448 -24.36 1.84 41.99
N ARG A 449 -24.98 2.77 42.63
CA ARG A 449 -25.14 4.01 41.86
C ARG A 449 -25.89 3.96 40.56
N ALA A 450 -27.09 3.46 40.61
CA ALA A 450 -27.97 3.41 39.50
C ALA A 450 -28.43 4.79 39.15
N ASP A 451 -28.37 5.70 40.08
CA ASP A 451 -28.64 7.07 39.78
C ASP A 451 -27.64 7.56 38.72
N LEU A 452 -26.39 7.18 38.88
CA LEU A 452 -25.34 7.58 37.94
C LEU A 452 -25.52 6.95 36.56
N ARG A 453 -25.74 5.64 36.52
CA ARG A 453 -25.93 4.93 35.25
C ARG A 453 -27.12 5.49 34.44
N GLU A 454 -28.20 5.82 35.14
CA GLU A 454 -29.39 6.38 34.48
C GLU A 454 -29.04 7.75 33.94
N ALA A 455 -28.27 8.51 34.73
CA ALA A 455 -27.94 9.88 34.36
C ALA A 455 -27.12 9.95 33.08
N THR A 456 -26.40 8.87 32.79
CA THR A 456 -25.47 8.85 31.66
C THR A 456 -26.15 8.45 30.34
N ARG A 457 -27.40 7.98 30.43
CA ARG A 457 -28.10 7.49 29.22
C ARG A 457 -28.22 8.49 28.06
N PRO A 458 -28.45 9.78 28.34
CA PRO A 458 -28.50 10.73 27.22
C PRO A 458 -27.16 10.86 26.49
N TRP A 459 -26.12 10.27 27.07
CA TRP A 459 -24.79 10.25 26.45
C TRP A 459 -24.42 8.85 25.96
N SER A 460 -25.42 7.96 25.94
CA SER A 460 -25.16 6.55 25.58
C SER A 460 -24.47 6.37 24.22
N ASP A 461 -24.73 7.28 23.29
CA ASP A 461 -24.11 7.21 21.97
C ASP A 461 -22.59 7.46 21.97
N ARG A 462 -22.09 8.21 22.95
CA ARG A 462 -20.64 8.47 23.07
C ARG A 462 -20.02 7.68 24.20
N VAL A 463 -20.77 7.51 25.29
CA VAL A 463 -20.22 6.99 26.54
C VAL A 463 -20.83 5.63 26.91
N SER A 464 -19.97 4.69 27.32
CA SER A 464 -20.42 3.36 27.72
C SER A 464 -20.55 3.23 29.23
N VAL A 465 -21.62 2.59 29.69
CA VAL A 465 -21.78 2.32 31.12
C VAL A 465 -21.51 0.85 31.43
N VAL A 466 -20.72 0.62 32.48
CA VAL A 466 -20.30 -0.72 32.82
C VAL A 466 -20.30 -0.87 34.33
N ALA A 467 -21.07 -1.85 34.82
CA ALA A 467 -21.13 -2.12 36.24
C ALA A 467 -20.14 -3.21 36.57
N GLY A 468 -19.55 -3.15 37.76
CA GLY A 468 -18.54 -4.11 38.16
C GLY A 468 -18.02 -3.75 39.53
N GLU A 469 -17.80 -4.76 40.36
CA GLU A 469 -17.29 -4.51 41.70
C GLU A 469 -15.77 -4.34 41.65
N ALA A 470 -15.29 -3.36 42.40
CA ALA A 470 -13.85 -3.19 42.61
C ALA A 470 -13.62 -2.19 43.74
N THR A 471 -12.63 -2.45 44.57
CA THR A 471 -12.23 -1.49 45.59
C THR A 471 -10.93 -0.87 45.15
N VAL A 472 -10.92 0.46 44.97
CA VAL A 472 -9.72 1.16 44.58
C VAL A 472 -9.16 1.98 45.75
N GLU A 473 -7.91 2.41 45.63
CA GLU A 473 -7.28 3.25 46.63
C GLU A 473 -6.72 4.51 45.97
N PRO A 474 -7.16 5.70 46.41
CA PRO A 474 -8.22 5.91 47.40
C PRO A 474 -9.55 5.40 46.88
N PRO A 475 -10.55 5.31 47.76
CA PRO A 475 -11.86 4.82 47.31
C PRO A 475 -12.53 5.69 46.25
N ALA A 476 -13.34 5.04 45.42
CA ALA A 476 -14.18 5.72 44.46
C ALA A 476 -15.42 4.88 44.22
N GLN A 477 -16.57 5.54 44.16
CA GLN A 477 -17.81 4.86 43.81
C GLN A 477 -18.03 4.76 42.30
N ALA A 478 -17.39 5.67 41.54
CA ALA A 478 -17.55 5.67 40.09
C ALA A 478 -16.40 6.41 39.45
N LEU A 479 -15.99 5.94 38.27
CA LEU A 479 -14.94 6.59 37.49
C LEU A 479 -15.45 6.84 36.10
N LEU A 480 -15.38 8.11 35.68
CA LEU A 480 -15.64 8.43 34.30
C LEU A 480 -14.28 8.40 33.60
N VAL A 481 -14.08 7.40 32.74
CA VAL A 481 -12.76 7.14 32.15
C VAL A 481 -12.67 7.57 30.69
N ARG A 482 -11.60 8.29 30.37
CA ARG A 482 -11.32 8.75 29.01
C ARG A 482 -10.83 7.61 28.13
N PRO A 483 -10.94 7.79 26.79
CA PRO A 483 -10.50 6.81 25.79
C PRO A 483 -9.00 6.46 25.86
N ASP A 484 -8.21 7.28 26.55
CA ASP A 484 -6.79 7.02 26.73
C ASP A 484 -6.45 6.46 28.11
N GLY A 485 -7.49 6.13 28.89
CA GLY A 485 -7.28 5.40 30.12
C GLY A 485 -7.15 6.25 31.37
N TYR A 486 -7.16 7.56 31.19
CA TYR A 486 -7.06 8.47 32.31
C TYR A 486 -8.45 8.87 32.81
N VAL A 487 -8.55 9.15 34.11
CA VAL A 487 -9.84 9.48 34.71
C VAL A 487 -10.24 10.95 34.53
N ALA A 488 -11.33 11.18 33.81
CA ALA A 488 -11.89 12.52 33.63
C ALA A 488 -12.58 13.04 34.87
N TRP A 489 -13.20 12.12 35.62
CA TRP A 489 -14.07 12.47 36.73
C TRP A 489 -14.28 11.26 37.64
N ALA A 490 -14.27 11.50 38.95
CA ALA A 490 -14.49 10.44 39.92
C ALA A 490 -15.52 10.86 40.93
N GLY A 491 -16.35 9.90 41.33
CA GLY A 491 -17.45 10.17 42.22
C GLY A 491 -17.23 9.57 43.59
N SER A 492 -17.52 10.39 44.59
CA SER A 492 -17.58 9.97 45.99
C SER A 492 -19.04 9.68 46.33
N PRO A 493 -19.30 9.16 47.54
CA PRO A 493 -20.70 8.96 47.93
C PRO A 493 -21.50 10.26 47.87
N ALA A 494 -20.83 11.39 48.11
CA ALA A 494 -21.49 12.69 48.08
C ALA A 494 -21.87 13.12 46.66
N ALA A 495 -21.19 12.55 45.66
CA ALA A 495 -21.44 12.87 44.26
C ALA A 495 -22.91 12.74 43.89
N THR A 496 -23.44 13.76 43.22
CA THR A 496 -24.81 13.74 42.76
C THR A 496 -24.86 13.50 41.27
N ALA A 497 -25.99 13.01 40.78
CA ALA A 497 -26.15 12.78 39.35
C ALA A 497 -25.92 14.08 38.57
N ASP A 498 -26.28 15.19 39.19
CA ASP A 498 -26.11 16.51 38.60
C ASP A 498 -24.63 16.86 38.34
N GLU A 499 -23.75 16.53 39.28
CA GLU A 499 -22.32 16.72 39.04
C GLU A 499 -21.84 15.94 37.82
N LEU A 500 -22.27 14.68 37.72
CA LEU A 500 -21.88 13.82 36.60
C LEU A 500 -22.37 14.36 35.27
N ARG A 501 -23.61 14.85 35.25
CA ARG A 501 -24.15 15.45 34.02
C ARG A 501 -23.29 16.64 33.61
N ALA A 502 -22.81 17.38 34.61
CA ALA A 502 -21.96 18.54 34.33
C ALA A 502 -20.63 18.12 33.70
N SER A 503 -19.98 17.11 34.28
CA SER A 503 -18.74 16.58 33.72
C SER A 503 -18.93 15.95 32.34
N LEU A 504 -20.05 15.24 32.18
CA LEU A 504 -20.33 14.58 30.91
C LEU A 504 -20.45 15.61 29.80
N ALA A 505 -21.05 16.75 30.11
CA ALA A 505 -21.27 17.79 29.12
C ALA A 505 -19.93 18.44 28.80
N ARG A 506 -19.26 18.93 29.84
CA ARG A 506 -17.98 19.61 29.72
C ARG A 506 -16.94 18.78 28.95
N TRP A 507 -16.88 17.49 29.25
CA TRP A 507 -15.91 16.60 28.61
C TRP A 507 -16.36 16.06 27.27
N PHE A 508 -17.62 15.64 27.19
CA PHE A 508 -18.06 14.81 26.07
C PHE A 508 -19.18 15.44 25.26
N GLY A 509 -19.49 16.70 25.57
CA GLY A 509 -20.44 17.47 24.80
C GLY A 509 -21.86 17.36 25.32
N PRO A 510 -22.81 18.04 24.65
CA PRO A 510 -24.21 18.12 25.10
C PRO A 510 -24.93 16.78 24.97
N PRO A 511 -25.84 16.50 25.93
CA PRO A 511 -26.66 15.27 25.94
C PRO A 511 -27.49 15.18 24.66
N ALA A 512 -27.73 13.95 24.20
CA ALA A 512 -28.53 13.74 22.99
C ALA A 512 -29.99 14.19 23.18
N ALA B 13 -2.24 -30.41 -43.40
CA ALA B 13 -2.12 -30.17 -41.97
C ALA B 13 -0.85 -30.81 -41.41
N LEU B 14 -0.01 -31.33 -42.30
CA LEU B 14 1.06 -32.23 -41.87
C LEU B 14 1.84 -31.79 -40.62
N THR B 15 2.54 -30.66 -40.66
CA THR B 15 3.36 -30.29 -39.49
C THR B 15 2.55 -30.06 -38.21
N THR B 16 1.34 -29.50 -38.35
CA THR B 16 0.57 -29.15 -37.18
C THR B 16 -0.81 -28.61 -37.55
N ASP B 17 -1.69 -28.50 -36.55
CA ASP B 17 -3.02 -27.93 -36.74
C ASP B 17 -2.97 -26.43 -37.01
N VAL B 18 -2.41 -25.67 -36.08
CA VAL B 18 -2.31 -24.23 -36.21
C VAL B 18 -0.86 -23.73 -36.07
N VAL B 19 -0.48 -22.81 -36.95
CA VAL B 19 0.84 -22.21 -36.83
C VAL B 19 0.70 -20.79 -36.31
N VAL B 20 1.44 -20.51 -35.23
CA VAL B 20 1.47 -19.18 -34.66
C VAL B 20 2.76 -18.47 -35.11
N VAL B 21 2.63 -17.44 -35.94
CA VAL B 21 3.78 -16.67 -36.42
C VAL B 21 4.03 -15.57 -35.45
N GLY B 22 5.15 -15.64 -34.73
CA GLY B 22 5.44 -14.64 -33.73
C GLY B 22 5.42 -15.21 -32.33
N GLY B 23 6.58 -15.22 -31.70
CA GLY B 23 6.73 -15.70 -30.34
C GLY B 23 6.77 -14.59 -29.33
N GLY B 24 6.04 -13.51 -29.59
CA GLY B 24 5.80 -12.49 -28.58
C GLY B 24 4.88 -13.03 -27.49
N PRO B 25 4.60 -12.19 -26.49
CA PRO B 25 3.68 -12.53 -25.40
C PRO B 25 2.33 -12.98 -25.92
N VAL B 26 1.82 -12.31 -26.95
CA VAL B 26 0.52 -12.68 -27.48
C VAL B 26 0.59 -14.06 -28.10
N GLY B 27 1.58 -14.30 -28.96
CA GLY B 27 1.68 -15.59 -29.61
C GLY B 27 1.88 -16.73 -28.63
N LEU B 28 2.61 -16.46 -27.56
CA LEU B 28 2.86 -17.47 -26.56
C LEU B 28 1.58 -17.74 -25.77
N MET B 29 0.87 -16.69 -25.43
CA MET B 29 -0.44 -16.81 -24.82
C MET B 29 -1.31 -17.71 -25.68
N LEU B 30 -1.35 -17.44 -26.98
CA LEU B 30 -2.25 -18.16 -27.85
C LEU B 30 -1.91 -19.65 -27.96
N ALA B 31 -0.62 -19.96 -28.01
CA ALA B 31 -0.18 -21.36 -28.12
C ALA B 31 -0.70 -22.19 -26.95
N GLY B 32 -0.57 -21.62 -25.75
CA GLY B 32 -1.14 -22.23 -24.56
C GLY B 32 -2.64 -22.45 -24.67
N GLU B 33 -3.36 -21.45 -25.18
CA GLU B 33 -4.80 -21.57 -25.36
C GLU B 33 -5.15 -22.69 -26.32
N LEU B 34 -4.36 -22.84 -27.37
CA LEU B 34 -4.64 -23.82 -28.38
C LEU B 34 -4.38 -25.23 -27.83
N ARG B 35 -3.35 -25.35 -26.99
CA ARG B 35 -3.03 -26.63 -26.38
C ARG B 35 -4.09 -27.00 -25.35
N ALA B 36 -4.55 -26.03 -24.57
CA ALA B 36 -5.60 -26.29 -23.59
C ALA B 36 -6.81 -26.81 -24.35
N GLY B 37 -7.01 -26.30 -25.56
CA GLY B 37 -8.12 -26.71 -26.40
C GLY B 37 -7.89 -28.02 -27.12
N GLY B 38 -6.74 -28.64 -26.87
CA GLY B 38 -6.42 -29.95 -27.41
C GLY B 38 -5.89 -30.04 -28.84
N VAL B 39 -5.40 -28.95 -29.41
CA VAL B 39 -4.89 -28.99 -30.78
C VAL B 39 -3.42 -28.59 -30.90
N GLY B 40 -2.75 -29.01 -31.98
CA GLY B 40 -1.35 -28.71 -32.20
C GLY B 40 -1.05 -27.24 -32.44
N ALA B 41 -0.05 -26.73 -31.75
CA ALA B 41 0.40 -25.35 -31.95
C ALA B 41 1.89 -25.32 -32.24
N LEU B 42 2.26 -24.71 -33.37
CA LEU B 42 3.65 -24.51 -33.72
C LEU B 42 3.91 -23.02 -33.76
N VAL B 43 4.81 -22.56 -32.90
CA VAL B 43 5.18 -21.15 -32.81
C VAL B 43 6.50 -20.87 -33.54
N LEU B 44 6.44 -20.02 -34.55
CA LEU B 44 7.63 -19.66 -35.32
C LEU B 44 8.03 -18.23 -34.96
N GLU B 45 9.12 -18.13 -34.20
CA GLU B 45 9.65 -16.85 -33.76
C GLU B 45 10.87 -16.43 -34.62
N LYS B 46 10.80 -15.23 -35.18
CA LYS B 46 11.90 -14.68 -35.95
C LYS B 46 13.20 -14.66 -35.16
N LEU B 47 13.14 -14.08 -33.96
CA LEU B 47 14.35 -13.85 -33.17
C LEU B 47 14.94 -15.10 -32.56
N VAL B 48 16.27 -15.15 -32.54
CA VAL B 48 16.99 -16.22 -31.88
C VAL B 48 16.87 -16.08 -30.36
N GLU B 49 16.80 -14.84 -29.88
CA GLU B 49 16.69 -14.62 -28.45
C GLU B 49 15.81 -13.41 -28.10
N PRO B 50 15.05 -13.53 -27.01
CA PRO B 50 14.14 -12.44 -26.59
C PRO B 50 14.91 -11.17 -26.33
N VAL B 51 14.33 -10.04 -26.72
CA VAL B 51 14.94 -8.74 -26.46
C VAL B 51 14.31 -8.10 -25.23
N GLY B 52 15.13 -7.35 -24.49
CA GLY B 52 14.67 -6.63 -23.32
C GLY B 52 13.60 -5.61 -23.66
N HIS B 53 12.96 -5.06 -22.63
CA HIS B 53 11.79 -4.20 -22.84
C HIS B 53 11.75 -3.03 -21.89
N ASP B 54 10.63 -2.32 -21.94
CA ASP B 54 10.30 -1.39 -20.89
C ASP B 54 9.95 -2.23 -19.69
N ARG B 55 10.72 -2.07 -18.63
CA ARG B 55 10.61 -2.90 -17.44
C ARG B 55 9.49 -2.44 -16.51
N ALA B 56 8.44 -1.89 -17.07
CA ALA B 56 7.37 -1.44 -16.25
C ALA B 56 6.00 -1.85 -16.75
N GLY B 57 5.85 -3.04 -17.26
CA GLY B 57 4.61 -3.45 -17.83
C GLY B 57 3.50 -3.29 -16.82
N ALA B 58 2.30 -3.33 -17.30
CA ALA B 58 1.13 -3.22 -16.44
C ALA B 58 0.11 -4.20 -16.93
N LEU B 59 -0.31 -5.12 -16.05
CA LEU B 59 -1.41 -6.00 -16.36
C LEU B 59 -2.64 -5.53 -15.56
N HIS B 60 -3.71 -5.21 -16.28
CA HIS B 60 -4.86 -4.58 -15.65
C HIS B 60 -5.91 -5.62 -15.24
N ILE B 61 -6.94 -5.14 -14.55
CA ILE B 61 -7.90 -6.00 -13.87
C ILE B 61 -8.40 -7.17 -14.72
N ARG B 62 -8.96 -6.87 -15.89
CA ARG B 62 -9.56 -7.93 -16.70
C ARG B 62 -8.51 -8.95 -17.16
N THR B 63 -7.27 -8.52 -17.34
CA THR B 63 -6.19 -9.43 -17.71
C THR B 63 -5.85 -10.33 -16.52
N VAL B 64 -5.72 -9.71 -15.35
CA VAL B 64 -5.48 -10.45 -14.13
C VAL B 64 -6.58 -11.50 -13.89
N GLU B 65 -7.84 -11.08 -13.96
CA GLU B 65 -8.92 -12.05 -13.85
C GLU B 65 -8.76 -13.15 -14.90
N THR B 66 -8.26 -12.78 -16.07
CA THR B 66 -8.12 -13.76 -17.14
C THR B 66 -6.98 -14.72 -16.81
N LEU B 67 -5.89 -14.17 -16.29
CA LEU B 67 -4.78 -15.02 -15.86
C LEU B 67 -5.25 -15.96 -14.76
N ASP B 68 -6.20 -15.48 -13.96
CA ASP B 68 -6.68 -16.29 -12.85
C ASP B 68 -7.42 -17.52 -13.33
N LEU B 69 -8.26 -17.35 -14.34
CA LEU B 69 -9.06 -18.45 -14.86
C LEU B 69 -8.25 -19.35 -15.78
N ARG B 70 -6.98 -19.02 -15.95
CA ARG B 70 -6.07 -19.87 -16.70
C ARG B 70 -5.08 -20.56 -15.77
N GLY B 71 -5.20 -20.31 -14.47
CA GLY B 71 -4.29 -20.90 -13.51
C GLY B 71 -2.89 -20.34 -13.64
N LEU B 72 -2.79 -19.13 -14.18
CA LEU B 72 -1.50 -18.51 -14.45
C LEU B 72 -1.21 -17.40 -13.45
N LEU B 73 -2.25 -16.97 -12.75
CA LEU B 73 -2.18 -15.78 -11.93
C LEU B 73 -1.11 -15.85 -10.84
N ASP B 74 -1.06 -16.98 -10.14
CA ASP B 74 -0.09 -17.14 -9.06
C ASP B 74 1.37 -17.05 -9.51
N ARG B 75 1.68 -17.64 -10.67
CA ARG B 75 3.01 -17.55 -11.24
C ARG B 75 3.38 -16.07 -11.48
N PHE B 76 2.46 -15.34 -12.10
CA PHE B 76 2.65 -13.92 -12.38
C PHE B 76 2.78 -13.06 -11.13
N LEU B 77 2.19 -13.51 -10.02
CA LEU B 77 2.16 -12.69 -8.81
C LEU B 77 3.38 -12.83 -7.89
N GLU B 78 4.16 -13.89 -8.08
CA GLU B 78 5.33 -14.13 -7.24
C GLU B 78 6.32 -12.95 -7.29
N GLY B 79 6.48 -12.28 -6.15
CA GLY B 79 7.39 -11.16 -6.08
C GLY B 79 7.01 -10.02 -7.02
N THR B 80 5.72 -9.92 -7.30
CA THR B 80 5.25 -8.84 -8.16
C THR B 80 4.63 -7.73 -7.35
N GLN B 81 5.02 -6.50 -7.62
CA GLN B 81 4.38 -5.37 -6.97
C GLN B 81 3.11 -5.04 -7.73
N VAL B 82 2.16 -4.43 -7.05
CA VAL B 82 0.88 -4.11 -7.65
C VAL B 82 0.53 -2.66 -7.36
N ALA B 83 -0.38 -2.11 -8.16
CA ALA B 83 -0.87 -0.76 -7.98
C ALA B 83 -2.38 -0.78 -7.75
N LYS B 84 -2.85 0.05 -6.82
CA LYS B 84 -4.24 0.04 -6.42
C LYS B 84 -5.07 1.13 -7.12
N GLY B 85 -4.42 1.87 -8.01
CA GLY B 85 -5.05 2.96 -8.72
C GLY B 85 -4.14 3.44 -9.83
N LEU B 86 -4.66 4.26 -10.74
CA LEU B 86 -3.88 4.74 -11.88
C LEU B 86 -4.24 6.17 -12.28
N PRO B 87 -3.27 6.90 -12.85
CA PRO B 87 -3.55 8.23 -13.39
C PRO B 87 -4.32 8.05 -14.70
N PHE B 88 -5.06 9.06 -15.12
CA PHE B 88 -5.67 9.09 -16.44
C PHE B 88 -5.15 10.32 -17.17
N ALA B 89 -4.47 10.10 -18.30
CA ALA B 89 -3.93 11.21 -19.09
C ALA B 89 -3.08 12.15 -18.24
N GLY B 90 -2.28 11.58 -17.35
CA GLY B 90 -1.44 12.36 -16.45
C GLY B 90 -2.13 12.98 -15.24
N ILE B 91 -3.45 12.80 -15.12
CA ILE B 91 -4.16 13.32 -13.95
C ILE B 91 -4.07 12.32 -12.80
N PHE B 92 -3.37 12.71 -11.73
CA PHE B 92 -3.00 11.79 -10.64
C PHE B 92 -3.80 12.06 -9.37
N THR B 93 -4.14 13.32 -9.15
CA THR B 93 -4.89 13.73 -7.97
C THR B 93 -6.29 13.10 -7.95
N GLN B 94 -6.89 12.94 -9.12
CA GLN B 94 -8.16 12.25 -9.20
C GLN B 94 -7.99 11.07 -10.13
N GLY B 95 -7.17 10.11 -9.71
CA GLY B 95 -6.88 8.93 -10.51
C GLY B 95 -8.07 8.00 -10.67
N LEU B 96 -7.87 7.00 -11.53
CA LEU B 96 -8.86 5.95 -11.69
C LEU B 96 -8.96 5.18 -10.39
N ASP B 97 -10.19 5.01 -9.91
CA ASP B 97 -10.49 4.38 -8.62
C ASP B 97 -10.94 2.93 -8.81
N PHE B 98 -10.09 1.97 -8.46
CA PHE B 98 -10.40 0.56 -8.70
C PHE B 98 -11.50 0.08 -7.76
N GLY B 99 -11.74 0.82 -6.69
CA GLY B 99 -12.80 0.52 -5.76
C GLY B 99 -14.19 0.63 -6.36
N LEU B 100 -14.31 1.37 -7.45
CA LEU B 100 -15.62 1.58 -8.08
C LEU B 100 -16.02 0.47 -9.05
N VAL B 101 -15.13 -0.45 -9.33
CA VAL B 101 -15.50 -1.47 -10.29
C VAL B 101 -15.64 -2.82 -9.61
N ASP B 102 -16.44 -3.68 -10.23
CA ASP B 102 -16.74 -5.02 -9.71
C ASP B 102 -15.63 -6.00 -10.05
N THR B 103 -14.92 -6.46 -9.03
CA THR B 103 -13.85 -7.44 -9.24
C THR B 103 -13.34 -7.94 -7.91
N ARG B 104 -12.79 -9.16 -7.91
CA ARG B 104 -12.01 -9.60 -6.76
C ARG B 104 -10.50 -9.42 -6.99
N HIS B 105 -10.13 -8.60 -7.97
CA HIS B 105 -8.73 -8.25 -8.20
C HIS B 105 -8.54 -6.77 -8.52
N PRO B 106 -8.91 -5.90 -7.58
CA PRO B 106 -8.85 -4.43 -7.76
C PRO B 106 -7.43 -3.90 -7.78
N TYR B 107 -6.65 -4.37 -8.75
CA TYR B 107 -5.28 -3.92 -8.82
C TYR B 107 -4.70 -4.12 -10.19
N THR B 108 -3.57 -3.47 -10.43
CA THR B 108 -2.78 -3.68 -11.62
C THR B 108 -1.51 -4.40 -11.21
N ALA B 109 -1.20 -5.49 -11.90
CA ALA B 109 0.03 -6.22 -11.64
C ALA B 109 1.17 -5.60 -12.44
N LEU B 110 2.21 -5.14 -11.75
CA LEU B 110 3.34 -4.52 -12.40
C LEU B 110 4.39 -5.54 -12.81
N VAL B 111 4.11 -6.25 -13.89
CA VAL B 111 4.99 -7.31 -14.37
C VAL B 111 5.70 -6.87 -15.67
N PRO B 112 7.03 -6.81 -15.62
CA PRO B 112 7.83 -6.45 -16.81
C PRO B 112 7.50 -7.39 -17.97
N GLN B 113 7.38 -6.82 -19.16
CA GLN B 113 6.98 -7.60 -20.32
C GLN B 113 7.94 -8.75 -20.65
N SER B 114 9.22 -8.60 -20.33
CA SER B 114 10.17 -9.69 -20.56
C SER B 114 9.81 -10.91 -19.70
N ARG B 115 9.45 -10.65 -18.44
CA ARG B 115 9.10 -11.69 -17.49
C ARG B 115 7.79 -12.35 -17.91
N THR B 116 6.87 -11.56 -18.45
CA THR B 116 5.63 -12.10 -19.01
C THR B 116 5.92 -13.04 -20.17
N GLU B 117 6.78 -12.61 -21.09
CA GLU B 117 7.20 -13.45 -22.20
C GLU B 117 7.83 -14.74 -21.68
N ALA B 118 8.68 -14.62 -20.68
CA ALA B 118 9.35 -15.79 -20.12
C ALA B 118 8.33 -16.76 -19.52
N LEU B 119 7.45 -16.25 -18.66
CA LEU B 119 6.42 -17.08 -18.04
C LEU B 119 5.58 -17.79 -19.09
N LEU B 120 5.10 -17.04 -20.07
CA LEU B 120 4.25 -17.63 -21.09
C LEU B 120 5.01 -18.61 -21.99
N ALA B 121 6.33 -18.45 -22.05
CA ALA B 121 7.18 -19.40 -22.76
C ALA B 121 7.25 -20.73 -22.04
N GLU B 122 7.61 -20.69 -20.75
CA GLU B 122 7.61 -21.90 -19.94
C GLU B 122 6.26 -22.61 -20.09
N HIS B 123 5.17 -21.88 -19.86
CA HIS B 123 3.84 -22.50 -19.90
C HIS B 123 3.50 -23.16 -21.23
N ALA B 124 3.75 -22.43 -22.32
CA ALA B 124 3.45 -22.92 -23.67
C ALA B 124 4.22 -24.17 -24.04
N ARG B 125 5.43 -24.31 -23.50
CA ARG B 125 6.25 -25.45 -23.88
C ARG B 125 5.63 -26.73 -23.30
N GLU B 126 5.32 -26.70 -22.02
CA GLU B 126 4.80 -27.88 -21.31
C GLU B 126 3.44 -28.34 -21.80
N ALA B 127 2.63 -27.40 -22.25
CA ALA B 127 1.36 -27.72 -22.89
C ALA B 127 1.56 -28.44 -24.21
N GLY B 128 2.80 -28.52 -24.67
CA GLY B 128 3.13 -29.25 -25.89
C GLY B 128 3.15 -28.41 -27.15
N ALA B 129 3.19 -27.10 -26.99
CA ALA B 129 3.42 -26.23 -28.13
C ALA B 129 4.90 -26.39 -28.50
N GLU B 130 5.12 -26.39 -29.77
CA GLU B 130 6.46 -26.40 -30.33
C GLU B 130 6.91 -24.98 -30.67
N ILE B 131 7.96 -24.46 -30.05
CA ILE B 131 8.41 -23.11 -30.37
C ILE B 131 9.77 -23.13 -31.08
N ARG B 132 9.80 -22.64 -32.31
CA ARG B 132 11.03 -22.58 -33.09
C ARG B 132 11.52 -21.14 -33.15
N ARG B 133 12.69 -20.89 -32.56
CA ARG B 133 13.29 -19.57 -32.59
C ARG B 133 14.32 -19.43 -33.71
N GLY B 134 14.42 -18.24 -34.28
CA GLY B 134 15.29 -18.01 -35.42
C GLY B 134 14.63 -18.59 -36.65
N HIS B 135 13.30 -18.71 -36.61
CA HIS B 135 12.56 -19.12 -37.78
C HIS B 135 11.65 -17.98 -38.20
N GLU B 136 12.02 -17.31 -39.30
CA GLU B 136 11.23 -16.18 -39.77
C GLU B 136 10.27 -16.59 -40.86
N VAL B 137 9.01 -16.23 -40.73
CA VAL B 137 8.07 -16.48 -41.81
C VAL B 137 8.27 -15.44 -42.91
N THR B 138 8.40 -15.90 -44.16
CA THR B 138 8.66 -15.00 -45.29
C THR B 138 7.59 -15.08 -46.38
N GLY B 139 6.78 -16.14 -46.35
CA GLY B 139 5.74 -16.32 -47.35
C GLY B 139 4.52 -17.02 -46.77
N LEU B 140 3.36 -16.80 -47.39
CA LEU B 140 2.09 -17.31 -46.93
C LEU B 140 1.18 -17.54 -48.12
N ARG B 141 0.63 -18.74 -48.19
CA ARG B 141 -0.34 -19.12 -49.21
C ARG B 141 -1.45 -19.87 -48.51
N GLN B 142 -2.61 -19.83 -49.10
CA GLN B 142 -3.80 -20.46 -48.57
C GLN B 142 -4.73 -21.00 -49.63
N ASP B 143 -5.28 -22.20 -49.38
CA ASP B 143 -6.32 -22.72 -50.25
C ASP B 143 -7.53 -23.21 -49.42
N ALA B 144 -8.54 -23.75 -50.09
CA ALA B 144 -9.75 -24.22 -49.40
C ALA B 144 -9.43 -25.23 -48.29
N GLU B 145 -8.32 -25.95 -48.43
CA GLU B 145 -7.99 -27.02 -47.50
C GLU B 145 -7.02 -26.65 -46.37
N ALA B 146 -6.10 -25.71 -46.63
CA ALA B 146 -5.00 -25.43 -45.69
C ALA B 146 -4.22 -24.15 -46.05
N VAL B 147 -3.23 -23.83 -45.21
CA VAL B 147 -2.37 -22.66 -45.41
C VAL B 147 -0.93 -23.12 -45.36
N GLU B 148 -0.10 -22.62 -46.27
CA GLU B 148 1.30 -22.99 -46.29
C GLU B 148 2.16 -21.79 -45.94
N VAL B 149 3.00 -21.93 -44.96
CA VAL B 149 3.87 -20.90 -44.54
C VAL B 149 5.37 -21.10 -44.86
N THR B 150 5.77 -20.45 -45.94
CA THR B 150 7.17 -20.50 -46.29
C THR B 150 7.94 -19.87 -45.21
N VAL B 151 8.77 -20.68 -44.57
CA VAL B 151 9.59 -20.25 -43.49
C VAL B 151 11.01 -20.28 -43.99
N ALA B 152 11.80 -19.33 -43.53
CA ALA B 152 13.16 -19.35 -43.76
C ALA B 152 13.71 -19.62 -42.44
N GLY B 153 14.18 -20.82 -42.23
CA GLY B 153 14.88 -21.17 -41.01
C GLY B 153 16.32 -21.26 -41.30
N PRO B 154 17.17 -21.34 -40.28
CA PRO B 154 18.55 -21.64 -40.58
C PRO B 154 18.42 -22.72 -41.63
N SER B 155 19.36 -22.94 -42.48
CA SER B 155 19.12 -24.02 -43.41
C SER B 155 18.11 -23.74 -44.52
N GLY B 156 17.36 -22.69 -44.46
CA GLY B 156 16.65 -22.29 -45.64
C GLY B 156 15.21 -22.57 -45.78
N PRO B 157 14.62 -21.98 -46.79
CA PRO B 157 13.21 -22.08 -47.04
C PRO B 157 12.63 -23.47 -46.91
N TYR B 158 11.92 -23.69 -45.80
CA TYR B 158 11.07 -24.86 -45.82
C TYR B 158 9.63 -24.37 -45.81
N ARG B 159 8.72 -25.21 -46.24
CA ARG B 159 7.32 -24.87 -46.20
C ARG B 159 6.63 -25.63 -45.07
N VAL B 160 5.63 -25.02 -44.47
CA VAL B 160 4.81 -25.68 -43.45
C VAL B 160 3.37 -25.59 -43.89
N ARG B 161 2.66 -26.72 -43.82
CA ARG B 161 1.23 -26.75 -44.09
C ARG B 161 0.45 -26.98 -42.80
N ALA B 162 -0.43 -26.05 -42.48
CA ALA B 162 -1.28 -26.19 -41.31
C ALA B 162 -2.71 -25.95 -41.69
N ARG B 163 -3.65 -26.28 -40.80
CA ARG B 163 -5.05 -25.93 -41.03
C ARG B 163 -5.31 -24.45 -40.81
N TYR B 164 -4.67 -23.84 -39.80
CA TYR B 164 -4.82 -22.40 -39.60
C TYR B 164 -3.50 -21.71 -39.28
N ALA B 165 -3.44 -20.42 -39.59
CA ALA B 165 -2.27 -19.63 -39.28
C ALA B 165 -2.68 -18.36 -38.55
N VAL B 166 -2.03 -18.09 -37.43
CA VAL B 166 -2.31 -16.87 -36.70
C VAL B 166 -1.11 -15.89 -36.68
N GLY B 167 -1.32 -14.71 -37.26
CA GLY B 167 -0.33 -13.66 -37.20
C GLY B 167 -0.27 -13.00 -35.83
N CYS B 168 0.69 -13.40 -35.02
CA CYS B 168 0.94 -12.74 -33.74
C CYS B 168 2.32 -12.10 -33.81
N ASP B 169 2.62 -11.51 -34.97
CA ASP B 169 3.99 -11.10 -35.27
C ASP B 169 4.22 -9.60 -35.18
N GLY B 170 3.40 -8.90 -34.40
CA GLY B 170 3.68 -7.51 -34.08
C GLY B 170 3.15 -6.45 -35.04
N GLY B 171 3.41 -5.19 -34.70
CA GLY B 171 2.97 -4.06 -35.50
C GLY B 171 3.40 -4.09 -36.97
N ARG B 172 4.51 -4.68 -37.24
CA ARG B 172 4.92 -4.83 -38.60
C ARG B 172 4.63 -6.18 -39.23
N SER B 173 3.59 -6.89 -38.75
CA SER B 173 3.25 -8.21 -39.25
C SER B 173 3.43 -8.48 -40.73
N THR B 174 4.29 -9.42 -40.96
CA THR B 174 4.41 -10.10 -42.23
C THR B 174 3.15 -10.78 -42.66
N VAL B 175 2.55 -11.51 -41.70
CA VAL B 175 1.33 -12.25 -41.99
C VAL B 175 0.23 -11.30 -42.47
N ARG B 176 0.07 -10.19 -41.76
CA ARG B 176 -0.97 -9.23 -42.08
C ARG B 176 -0.80 -8.75 -43.52
N ARG B 177 0.42 -8.34 -43.84
CA ARG B 177 0.73 -7.85 -45.18
C ARG B 177 0.62 -8.96 -46.23
N LEU B 178 1.22 -10.11 -45.96
CA LEU B 178 1.13 -11.21 -46.92
C LEU B 178 -0.30 -11.71 -47.16
N ALA B 179 -1.20 -11.48 -46.21
CA ALA B 179 -2.56 -11.97 -46.37
C ALA B 179 -3.44 -10.97 -47.11
N GLY B 180 -2.91 -9.77 -47.32
CA GLY B 180 -3.67 -8.75 -48.04
C GLY B 180 -4.64 -8.00 -47.14
N ILE B 181 -4.43 -8.08 -45.83
CA ILE B 181 -5.35 -7.44 -44.88
C ILE B 181 -4.94 -5.98 -44.68
N GLY B 182 -5.85 -5.06 -45.00
CA GLY B 182 -5.60 -3.64 -44.86
C GLY B 182 -5.36 -3.23 -43.41
N PHE B 183 -4.49 -2.24 -43.22
CA PHE B 183 -4.13 -1.76 -41.89
C PHE B 183 -4.35 -0.25 -41.81
N PRO B 184 -5.61 0.20 -42.00
CA PRO B 184 -5.97 1.63 -42.02
C PRO B 184 -5.81 2.36 -40.68
N GLY B 185 -5.51 3.66 -40.76
CA GLY B 185 -5.31 4.44 -39.55
C GLY B 185 -4.50 5.68 -39.83
N THR B 186 -3.91 6.23 -38.78
CA THR B 186 -3.19 7.48 -38.84
C THR B 186 -1.70 7.23 -38.76
N GLU B 187 -0.92 8.13 -39.33
CA GLU B 187 0.52 8.10 -39.17
C GLU B 187 0.88 8.86 -37.91
N ALA B 188 2.09 8.60 -37.40
CA ALA B 188 2.54 9.19 -36.15
C ALA B 188 2.78 10.70 -36.34
N THR B 189 2.45 11.49 -35.32
CA THR B 189 2.76 12.92 -35.31
C THR B 189 3.37 13.28 -33.97
N VAL B 190 3.33 12.33 -33.04
CA VAL B 190 3.92 12.49 -31.72
C VAL B 190 5.19 11.65 -31.69
N ARG B 191 6.26 12.16 -31.11
CA ARG B 191 7.48 11.35 -31.03
C ARG B 191 7.92 11.27 -29.59
N ALA B 192 8.18 10.06 -29.11
CA ALA B 192 8.56 9.87 -27.72
C ALA B 192 9.87 9.12 -27.59
N LEU B 193 10.63 9.47 -26.56
CA LEU B 193 11.83 8.72 -26.24
C LEU B 193 11.69 8.15 -24.84
N ILE B 194 12.27 6.98 -24.64
CA ILE B 194 12.27 6.36 -23.33
C ILE B 194 13.62 5.74 -23.08
N GLY B 195 14.14 5.92 -21.88
CA GLY B 195 15.41 5.33 -21.53
C GLY B 195 15.51 4.95 -20.07
N TYR B 196 16.26 3.89 -19.81
CA TYR B 196 16.69 3.59 -18.46
C TYR B 196 18.16 3.92 -18.38
N VAL B 197 18.44 5.11 -17.86
CA VAL B 197 19.77 5.67 -17.92
C VAL B 197 20.19 6.15 -16.54
N THR B 198 21.46 6.52 -16.42
CA THR B 198 21.97 6.98 -15.14
C THR B 198 22.10 8.50 -15.12
N THR B 199 21.87 9.09 -13.96
CA THR B 199 22.18 10.50 -13.76
C THR B 199 23.00 10.70 -12.49
N PRO B 200 23.98 11.62 -12.55
CA PRO B 200 24.78 12.01 -11.39
C PRO B 200 23.98 12.92 -10.48
N GLU B 201 23.07 13.70 -11.08
CA GLU B 201 22.27 14.68 -10.35
C GLU B 201 21.47 14.04 -9.23
N ARG B 202 21.24 14.81 -8.17
CA ARG B 202 20.70 14.26 -6.94
C ARG B 202 19.38 14.90 -6.53
N GLU B 203 18.46 14.06 -6.07
CA GLU B 203 17.14 14.51 -5.66
C GLU B 203 16.34 15.10 -6.81
N VAL B 204 16.63 14.63 -8.03
CA VAL B 204 15.81 14.98 -9.17
C VAL B 204 14.40 14.44 -8.90
N PRO B 205 13.38 15.30 -9.04
CA PRO B 205 12.01 15.01 -8.62
C PRO B 205 11.38 13.84 -9.37
N ARG B 206 10.79 12.91 -8.62
CA ARG B 206 10.12 11.74 -9.21
C ARG B 206 8.71 12.07 -9.70
N ARG B 207 8.62 12.80 -10.80
CA ARG B 207 7.36 13.40 -11.22
C ARG B 207 7.09 13.47 -12.74
N TRP B 208 5.81 13.38 -13.08
CA TRP B 208 5.29 13.49 -14.44
C TRP B 208 4.86 14.95 -14.64
N GLU B 209 5.17 15.53 -15.80
CA GLU B 209 4.77 16.92 -15.99
C GLU B 209 4.62 17.37 -17.44
N ARG B 210 3.70 18.30 -17.66
CA ARG B 210 3.52 18.93 -18.94
C ARG B 210 4.19 20.28 -18.90
N THR B 211 5.04 20.57 -19.87
CA THR B 211 5.61 21.90 -19.96
C THR B 211 5.06 22.47 -21.26
N PRO B 212 5.46 23.70 -21.61
CA PRO B 212 4.95 24.27 -22.87
C PRO B 212 5.58 23.58 -24.06
N ASP B 213 6.59 22.77 -23.82
CA ASP B 213 7.33 22.20 -24.94
C ASP B 213 7.20 20.68 -25.07
N GLY B 214 6.57 20.05 -24.10
CA GLY B 214 6.37 18.61 -24.16
C GLY B 214 5.97 18.02 -22.82
N ILE B 215 6.02 16.71 -22.72
CA ILE B 215 5.75 16.03 -21.47
C ILE B 215 7.03 15.35 -21.05
N LEU B 216 7.35 15.42 -19.77
CA LEU B 216 8.57 14.84 -19.23
C LEU B 216 8.27 13.92 -18.06
N VAL B 217 8.83 12.72 -18.08
CA VAL B 217 8.65 11.83 -16.95
C VAL B 217 10.01 11.41 -16.40
N LEU B 218 10.29 11.83 -15.18
CA LEU B 218 11.56 11.53 -14.54
C LEU B 218 11.37 10.64 -13.32
N ALA B 219 12.20 9.62 -13.19
CA ALA B 219 12.05 8.69 -12.08
C ALA B 219 13.40 8.18 -11.59
N PHE B 220 14.16 9.05 -10.95
CA PHE B 220 15.48 8.68 -10.42
C PHE B 220 15.48 8.64 -8.91
N PRO B 221 16.20 7.67 -8.33
CA PRO B 221 16.45 7.66 -6.90
C PRO B 221 17.07 8.99 -6.46
N PRO B 222 16.73 9.44 -5.24
CA PRO B 222 17.19 10.73 -4.75
C PRO B 222 18.71 10.76 -4.67
N GLU B 223 19.33 9.59 -4.51
CA GLU B 223 20.79 9.52 -4.44
C GLU B 223 21.45 9.67 -5.82
N GLY B 224 20.64 9.65 -6.88
CA GLY B 224 21.16 9.59 -8.24
C GLY B 224 21.26 8.14 -8.69
N GLY B 225 21.69 7.92 -9.93
CA GLY B 225 21.85 6.56 -10.44
C GLY B 225 20.85 6.17 -11.50
N LEU B 226 20.52 4.88 -11.59
CA LEU B 226 19.62 4.38 -12.62
C LEU B 226 18.21 4.88 -12.43
N GLY B 227 17.59 5.31 -13.53
CA GLY B 227 16.25 5.86 -13.49
C GLY B 227 15.56 5.82 -14.84
N ARG B 228 14.26 6.09 -14.81
CA ARG B 228 13.43 6.02 -16.00
C ARG B 228 13.21 7.41 -16.53
N VAL B 229 13.45 7.59 -17.82
CA VAL B 229 13.15 8.86 -18.48
C VAL B 229 12.19 8.62 -19.63
N VAL B 230 11.16 9.45 -19.71
CA VAL B 230 10.26 9.44 -20.83
C VAL B 230 10.07 10.88 -21.24
N VAL B 231 10.15 11.14 -22.54
CA VAL B 231 9.95 12.47 -23.04
C VAL B 231 9.11 12.37 -24.31
N ILE B 232 8.12 13.25 -24.42
CA ILE B 232 7.16 13.19 -25.50
C ILE B 232 7.00 14.59 -26.08
N GLU B 233 7.08 14.67 -27.40
CA GLU B 233 6.98 15.94 -28.10
C GLU B 233 5.93 15.81 -29.20
N TYR B 234 5.10 16.82 -29.37
CA TYR B 234 4.06 16.77 -30.38
C TYR B 234 4.53 17.54 -31.60
N THR B 235 4.02 17.18 -32.76
CA THR B 235 4.41 17.84 -34.01
C THR B 235 5.93 17.92 -34.14
N GLU B 243 11.63 4.76 -35.82
CA GLU B 243 12.99 4.94 -36.32
C GLU B 243 14.04 4.32 -35.40
N GLY B 244 15.20 4.97 -35.34
CA GLY B 244 16.33 4.50 -34.56
C GLY B 244 17.64 4.73 -35.28
N PRO B 245 18.75 4.40 -34.61
CA PRO B 245 18.68 3.98 -33.20
C PRO B 245 18.67 5.21 -32.34
N VAL B 246 18.39 5.08 -31.05
CA VAL B 246 18.41 6.23 -30.17
C VAL B 246 19.71 6.23 -29.37
N THR B 247 20.26 7.43 -29.17
CA THR B 247 21.54 7.58 -28.50
C THR B 247 21.32 8.32 -27.20
N LEU B 248 22.23 8.14 -26.25
CA LEU B 248 22.17 8.89 -25.01
C LEU B 248 22.12 10.39 -25.30
N GLU B 249 22.77 10.82 -26.39
CA GLU B 249 22.78 12.22 -26.77
C GLU B 249 21.40 12.72 -27.22
N ASP B 250 20.69 11.91 -27.99
CA ASP B 250 19.35 12.30 -28.46
C ASP B 250 18.42 12.46 -27.26
N LEU B 251 18.53 11.54 -26.33
CA LEU B 251 17.68 11.53 -25.15
C LEU B 251 17.97 12.80 -24.34
N GLY B 252 19.24 13.09 -24.14
CA GLY B 252 19.64 14.28 -23.39
C GLY B 252 19.12 15.56 -24.04
N ALA B 253 19.27 15.64 -25.36
CA ALA B 253 18.76 16.80 -26.09
C ALA B 253 17.24 16.95 -25.98
N ALA B 254 16.51 15.85 -26.08
CA ALA B 254 15.05 15.93 -25.99
C ALA B 254 14.65 16.45 -24.61
N VAL B 255 15.30 15.90 -23.58
CA VAL B 255 15.05 16.32 -22.21
C VAL B 255 15.33 17.81 -21.99
N ALA B 256 16.40 18.30 -22.62
CA ALA B 256 16.73 19.71 -22.55
C ALA B 256 15.60 20.58 -23.09
N ARG B 257 15.16 20.29 -24.31
CA ARG B 257 14.09 21.05 -24.96
C ARG B 257 12.80 21.13 -24.17
N VAL B 258 12.39 20.00 -23.59
CA VAL B 258 11.09 19.95 -22.94
C VAL B 258 11.19 20.53 -21.53
N ARG B 259 12.27 20.19 -20.84
CA ARG B 259 12.49 20.65 -19.47
C ARG B 259 12.85 22.13 -19.42
N GLY B 260 13.46 22.63 -20.49
CA GLY B 260 13.92 24.01 -20.53
C GLY B 260 15.22 24.17 -19.77
N THR B 261 15.73 23.06 -19.24
CA THR B 261 16.99 23.05 -18.50
C THR B 261 17.66 21.69 -18.65
N PRO B 262 18.93 21.68 -19.07
CA PRO B 262 19.65 20.42 -19.26
C PRO B 262 19.72 19.57 -17.99
N LEU B 263 19.89 18.27 -18.18
CA LEU B 263 20.01 17.29 -17.10
C LEU B 263 21.07 16.27 -17.52
N THR B 264 22.06 16.02 -16.66
CA THR B 264 23.17 15.17 -17.06
C THR B 264 22.79 13.69 -17.04
N LEU B 265 22.83 13.09 -18.22
CA LEU B 265 22.56 11.66 -18.38
C LEU B 265 23.84 10.95 -18.79
N THR B 266 24.11 9.80 -18.21
CA THR B 266 25.37 9.12 -18.44
C THR B 266 25.23 7.61 -18.40
N GLU B 267 26.24 6.93 -18.93
CA GLU B 267 26.33 5.50 -18.73
C GLU B 267 26.43 5.24 -17.23
N PRO B 268 26.04 4.05 -16.79
CA PRO B 268 25.54 2.98 -17.68
C PRO B 268 24.13 3.23 -18.20
N VAL B 269 23.94 2.99 -19.49
CA VAL B 269 22.62 3.01 -20.10
C VAL B 269 22.09 1.59 -20.19
N SER B 270 20.89 1.37 -19.66
CA SER B 270 20.28 0.04 -19.64
C SER B 270 19.38 -0.21 -20.84
N TRP B 271 18.74 0.84 -21.34
CA TRP B 271 17.81 0.69 -22.47
C TRP B 271 17.39 2.03 -23.07
N LEU B 272 17.46 2.13 -24.39
CA LEU B 272 17.10 3.35 -25.11
C LEU B 272 16.19 3.03 -26.28
N SER B 273 15.07 3.72 -26.38
CA SER B 273 14.17 3.47 -27.49
C SER B 273 13.25 4.65 -27.80
N ARG B 274 12.63 4.60 -28.97
CA ARG B 274 11.67 5.62 -29.38
C ARG B 274 10.35 4.95 -29.74
N PHE B 275 9.26 5.70 -29.67
CA PHE B 275 7.95 5.19 -30.06
C PHE B 275 7.06 6.36 -30.45
N GLY B 276 5.94 6.06 -31.11
CA GLY B 276 5.09 7.10 -31.66
C GLY B 276 3.63 6.77 -31.46
N ASP B 277 2.76 7.57 -32.07
CA ASP B 277 1.32 7.42 -31.87
C ASP B 277 0.58 7.04 -33.14
N ALA B 278 1.25 6.38 -34.08
CA ALA B 278 0.56 5.80 -35.22
C ALA B 278 -0.53 4.91 -34.63
N SER B 279 -1.73 5.02 -35.19
CA SER B 279 -2.87 4.31 -34.63
C SER B 279 -3.57 3.63 -35.76
N ARG B 280 -3.39 2.31 -35.86
CA ARG B 280 -3.88 1.57 -37.00
C ARG B 280 -4.49 0.25 -36.53
N GLN B 281 -5.46 -0.25 -37.27
CA GLN B 281 -6.11 -1.49 -36.89
C GLN B 281 -6.42 -2.33 -38.13
N ALA B 282 -6.17 -3.64 -38.05
CA ALA B 282 -6.47 -4.56 -39.14
C ALA B 282 -7.94 -4.45 -39.54
N LYS B 283 -8.20 -4.26 -40.82
CA LYS B 283 -9.56 -4.11 -41.33
C LYS B 283 -10.40 -5.39 -41.07
N ARG B 284 -9.75 -6.54 -41.07
CA ARG B 284 -10.39 -7.79 -40.68
C ARG B 284 -9.41 -8.63 -39.87
N TYR B 285 -9.91 -9.28 -38.81
CA TYR B 285 -9.06 -10.09 -37.95
C TYR B 285 -8.95 -11.52 -38.47
N ARG B 286 -9.74 -11.84 -39.47
CA ARG B 286 -9.68 -13.15 -40.07
C ARG B 286 -9.83 -13.02 -41.56
N SER B 287 -9.03 -13.80 -42.29
CA SER B 287 -9.13 -13.93 -43.74
C SER B 287 -8.93 -15.40 -44.12
N GLY B 288 -10.03 -16.10 -44.41
CA GLY B 288 -9.98 -17.51 -44.75
C GLY B 288 -9.41 -18.30 -43.59
N ARG B 289 -8.30 -18.99 -43.79
CA ARG B 289 -7.65 -19.72 -42.70
C ARG B 289 -6.55 -18.92 -42.02
N VAL B 290 -6.55 -17.62 -42.24
CA VAL B 290 -5.55 -16.74 -41.64
C VAL B 290 -6.18 -15.82 -40.61
N LEU B 291 -5.62 -15.76 -39.42
CA LEU B 291 -6.09 -14.80 -38.43
C LEU B 291 -4.97 -13.96 -37.80
N LEU B 292 -5.36 -12.85 -37.18
CA LEU B 292 -4.40 -11.96 -36.55
C LEU B 292 -4.77 -11.70 -35.10
N ALA B 293 -3.76 -11.54 -34.26
CA ALA B 293 -3.98 -11.17 -32.85
C ALA B 293 -2.88 -10.23 -32.35
N GLY B 294 -3.21 -9.37 -31.40
CA GLY B 294 -2.20 -8.54 -30.77
C GLY B 294 -1.78 -7.36 -31.61
N ASP B 295 -0.53 -6.93 -31.46
CA ASP B 295 -0.06 -5.78 -32.20
C ASP B 295 -0.12 -5.94 -33.72
N ALA B 296 -0.14 -7.18 -34.19
CA ALA B 296 -0.42 -7.41 -35.60
C ALA B 296 -1.80 -6.90 -35.99
N ALA B 297 -2.75 -6.92 -35.04
CA ALA B 297 -4.11 -6.49 -35.30
C ALA B 297 -4.32 -5.01 -34.95
N HIS B 298 -3.47 -4.45 -34.10
CA HIS B 298 -3.67 -3.03 -33.72
C HIS B 298 -2.46 -2.40 -33.07
N VAL B 299 -2.15 -1.18 -33.48
CA VAL B 299 -1.12 -0.39 -32.81
C VAL B 299 -1.62 1.01 -32.39
N HIS B 300 -1.05 1.54 -31.33
CA HIS B 300 -1.48 2.84 -30.80
C HIS B 300 -0.43 3.33 -29.84
N PHE B 301 -0.49 4.62 -29.50
CA PHE B 301 0.37 5.17 -28.47
C PHE B 301 0.18 4.43 -27.13
N PRO B 302 1.29 4.15 -26.46
CA PRO B 302 1.27 3.28 -25.27
C PRO B 302 0.88 3.97 -23.97
N ILE B 303 -0.04 4.91 -24.03
CA ILE B 303 -0.50 5.55 -22.81
C ILE B 303 -1.62 4.78 -22.10
N GLY B 304 -1.46 4.60 -20.79
CA GLY B 304 -2.41 3.82 -20.01
C GLY B 304 -2.09 2.33 -20.02
N GLY B 305 -1.04 1.94 -20.73
CA GLY B 305 -0.62 0.55 -20.79
C GLY B 305 -1.74 -0.40 -21.16
N GLN B 306 -2.27 -0.25 -22.38
CA GLN B 306 -3.40 -1.06 -22.79
C GLN B 306 -3.07 -2.11 -23.83
N GLY B 307 -1.94 -1.92 -24.53
CA GLY B 307 -1.66 -2.76 -25.68
C GLY B 307 -1.54 -4.26 -25.47
N LEU B 308 -0.64 -4.67 -24.58
CA LEU B 308 -0.48 -6.08 -24.27
C LEU B 308 -1.76 -6.66 -23.61
N ASN B 309 -2.39 -5.89 -22.72
CA ASN B 309 -3.64 -6.34 -22.11
C ASN B 309 -4.63 -6.72 -23.17
N THR B 310 -4.80 -5.84 -24.15
CA THR B 310 -5.76 -6.07 -25.22
C THR B 310 -5.36 -7.30 -26.04
N GLY B 311 -4.06 -7.50 -26.22
CA GLY B 311 -3.59 -8.61 -27.04
C GLY B 311 -3.72 -9.95 -26.34
N LEU B 312 -3.34 -10.00 -25.08
CA LEU B 312 -3.54 -11.21 -24.29
C LEU B 312 -5.02 -11.61 -24.25
N GLN B 313 -5.91 -10.63 -24.15
CA GLN B 313 -7.35 -10.95 -24.12
C GLN B 313 -7.83 -11.39 -25.50
N ASP B 314 -7.18 -10.87 -26.56
CA ASP B 314 -7.48 -11.33 -27.92
C ASP B 314 -7.16 -12.81 -27.99
N ALA B 315 -6.00 -13.18 -27.45
CA ALA B 315 -5.50 -14.54 -27.54
C ALA B 315 -6.44 -15.53 -26.83
N VAL B 316 -6.95 -15.12 -25.68
CA VAL B 316 -7.83 -15.99 -24.93
C VAL B 316 -9.20 -16.08 -25.59
N ASN B 317 -9.63 -15.00 -26.24
CA ASN B 317 -10.82 -15.07 -27.05
C ASN B 317 -10.68 -16.08 -28.18
N LEU B 318 -9.60 -15.96 -28.96
CA LEU B 318 -9.39 -16.76 -30.15
C LEU B 318 -9.10 -18.23 -29.88
N GLY B 319 -8.28 -18.49 -28.88
CA GLY B 319 -7.74 -19.83 -28.67
C GLY B 319 -8.81 -20.92 -28.63
N TRP B 320 -9.80 -20.76 -27.77
CA TRP B 320 -10.77 -21.82 -27.60
C TRP B 320 -11.67 -21.94 -28.82
N LYS B 321 -11.96 -20.81 -29.45
CA LYS B 321 -12.76 -20.86 -30.68
C LYS B 321 -12.01 -21.53 -31.84
N LEU B 322 -10.69 -21.34 -31.86
CA LEU B 322 -9.89 -21.84 -32.97
C LEU B 322 -9.64 -23.33 -32.76
N ALA B 323 -9.25 -23.68 -31.55
CA ALA B 323 -9.17 -25.10 -31.19
C ALA B 323 -10.50 -25.78 -31.51
N ALA B 324 -11.60 -25.10 -31.18
CA ALA B 324 -12.93 -25.70 -31.36
C ALA B 324 -13.18 -25.96 -32.84
N ARG B 325 -12.80 -25.01 -33.66
CA ARG B 325 -12.92 -25.11 -35.11
C ARG B 325 -12.14 -26.30 -35.60
N VAL B 326 -10.92 -26.44 -35.09
CA VAL B 326 -10.07 -27.53 -35.55
C VAL B 326 -10.68 -28.88 -35.17
N ARG B 327 -11.23 -28.98 -33.97
CA ARG B 327 -11.79 -30.25 -33.54
C ARG B 327 -13.12 -30.58 -34.23
N GLY B 328 -13.72 -29.62 -34.89
CA GLY B 328 -14.89 -29.90 -35.72
C GLY B 328 -16.20 -29.38 -35.17
N TRP B 329 -16.25 -29.15 -33.86
CA TRP B 329 -17.49 -28.74 -33.23
C TRP B 329 -17.75 -27.23 -33.20
N GLY B 330 -16.68 -26.44 -33.23
CA GLY B 330 -16.81 -24.99 -33.37
C GLY B 330 -17.17 -24.65 -34.81
N SER B 331 -18.25 -23.90 -34.98
CA SER B 331 -18.66 -23.55 -36.34
C SER B 331 -17.84 -22.40 -36.92
N GLU B 332 -18.04 -22.14 -38.21
CA GLU B 332 -17.49 -20.96 -38.86
C GLU B 332 -18.03 -19.70 -38.18
N GLU B 333 -19.34 -19.67 -37.92
CA GLU B 333 -19.92 -18.45 -37.38
C GLU B 333 -19.33 -18.18 -36.01
N LEU B 334 -19.00 -19.24 -35.28
CA LEU B 334 -18.38 -19.08 -33.97
C LEU B 334 -17.01 -18.40 -34.13
N LEU B 335 -16.21 -18.93 -35.05
CA LEU B 335 -14.88 -18.41 -35.30
C LEU B 335 -14.95 -16.94 -35.74
N ASP B 336 -15.97 -16.61 -36.53
CA ASP B 336 -16.22 -15.23 -36.94
C ASP B 336 -16.50 -14.29 -35.76
N THR B 337 -17.07 -14.81 -34.68
CA THR B 337 -17.28 -13.97 -33.50
C THR B 337 -15.95 -13.42 -32.97
N TYR B 338 -14.82 -13.98 -33.40
CA TYR B 338 -13.55 -13.48 -32.91
C TYR B 338 -13.39 -12.04 -33.37
N HIS B 339 -13.50 -11.84 -34.68
CA HIS B 339 -13.46 -10.50 -35.23
C HIS B 339 -14.54 -9.62 -34.61
N ASP B 340 -15.78 -10.11 -34.65
CA ASP B 340 -16.93 -9.31 -34.21
C ASP B 340 -16.82 -8.81 -32.78
N GLU B 341 -16.19 -9.61 -31.93
CA GLU B 341 -16.05 -9.24 -30.54
C GLU B 341 -14.80 -8.43 -30.27
N ARG B 342 -13.68 -8.81 -30.89
CA ARG B 342 -12.41 -8.18 -30.55
C ARG B 342 -12.06 -6.92 -31.33
N HIS B 343 -12.59 -6.79 -32.54
CA HIS B 343 -12.32 -5.58 -33.33
C HIS B 343 -12.86 -4.31 -32.64
N PRO B 344 -14.16 -4.30 -32.27
CA PRO B 344 -14.71 -3.13 -31.58
C PRO B 344 -13.91 -2.79 -30.32
N VAL B 345 -13.40 -3.80 -29.62
CA VAL B 345 -12.62 -3.52 -28.40
C VAL B 345 -11.34 -2.71 -28.66
N ALA B 346 -10.50 -3.18 -29.59
CA ALA B 346 -9.26 -2.47 -29.94
C ALA B 346 -9.55 -1.13 -30.61
N GLU B 347 -10.65 -1.05 -31.35
CA GLU B 347 -11.04 0.20 -31.99
C GLU B 347 -11.24 1.31 -30.95
N ARG B 348 -11.86 0.94 -29.84
CA ARG B 348 -12.09 1.88 -28.76
C ARG B 348 -10.77 2.18 -28.02
N VAL B 349 -9.88 1.19 -27.95
CA VAL B 349 -8.59 1.47 -27.32
C VAL B 349 -7.82 2.52 -28.14
N LEU B 350 -7.83 2.37 -29.46
CA LEU B 350 -7.18 3.33 -30.35
C LEU B 350 -7.78 4.72 -30.15
N LEU B 351 -9.10 4.80 -30.15
CA LEU B 351 -9.75 6.08 -29.93
C LEU B 351 -9.37 6.69 -28.58
N ASN B 352 -9.32 5.89 -27.51
CA ASN B 352 -9.09 6.48 -26.21
C ASN B 352 -7.67 6.97 -25.99
N THR B 353 -6.69 6.29 -26.60
CA THR B 353 -5.30 6.72 -26.49
C THR B 353 -5.12 8.02 -27.27
N ARG B 354 -5.80 8.14 -28.41
CA ARG B 354 -5.75 9.41 -29.13
C ARG B 354 -6.42 10.56 -28.35
N ALA B 355 -7.55 10.28 -27.71
CA ALA B 355 -8.22 11.28 -26.88
C ALA B 355 -7.33 11.66 -25.70
N GLN B 356 -6.67 10.68 -25.10
CA GLN B 356 -5.78 11.03 -23.99
C GLN B 356 -4.63 11.94 -24.47
N LEU B 357 -4.10 11.69 -25.66
CA LEU B 357 -3.06 12.57 -26.20
C LEU B 357 -3.57 14.01 -26.35
N ALA B 358 -4.80 14.18 -26.81
CA ALA B 358 -5.38 15.51 -26.85
C ALA B 358 -5.42 16.14 -25.44
N LEU B 359 -5.90 15.37 -24.46
CA LEU B 359 -5.98 15.85 -23.09
C LEU B 359 -4.62 16.21 -22.50
N MET B 360 -3.56 15.59 -22.99
CA MET B 360 -2.21 15.73 -22.51
C MET B 360 -1.39 16.78 -23.26
N ARG B 361 -1.98 17.37 -24.26
CA ARG B 361 -1.30 18.26 -25.12
C ARG B 361 -0.69 19.41 -24.38
N PRO B 362 0.59 19.61 -24.59
CA PRO B 362 1.31 20.75 -24.06
C PRO B 362 0.70 21.97 -24.65
N ASP B 363 0.04 22.76 -23.85
CA ASP B 363 -0.68 23.92 -24.27
C ASP B 363 -1.33 24.53 -23.08
N GLU B 364 -0.76 25.61 -22.59
CA GLU B 364 -1.28 26.30 -21.42
C GLU B 364 -2.50 27.13 -21.68
N GLN B 365 -2.69 27.57 -22.89
CA GLN B 365 -3.75 28.45 -23.20
C GLN B 365 -5.12 27.79 -23.17
N HIS B 366 -5.21 26.58 -23.66
CA HIS B 366 -6.50 25.94 -23.80
C HIS B 366 -6.56 24.61 -23.10
N THR B 367 -5.52 23.81 -23.25
CA THR B 367 -5.60 22.43 -22.77
C THR B 367 -5.52 22.35 -21.26
N THR B 368 -4.73 23.22 -20.64
CA THR B 368 -4.65 23.19 -19.19
C THR B 368 -6.02 23.45 -18.52
N PRO B 369 -6.76 24.49 -18.95
CA PRO B 369 -8.14 24.67 -18.46
C PRO B 369 -9.06 23.45 -18.68
N LEU B 370 -8.98 22.82 -19.85
CA LEU B 370 -9.77 21.61 -20.11
C LEU B 370 -9.40 20.51 -19.11
N ARG B 371 -8.12 20.34 -18.86
CA ARG B 371 -7.70 19.35 -17.88
C ARG B 371 -8.39 19.56 -16.54
N GLY B 372 -8.57 20.82 -16.13
CA GLY B 372 -9.20 21.15 -14.87
C GLY B 372 -10.64 20.64 -14.79
N PHE B 373 -11.43 20.90 -15.81
CA PHE B 373 -12.75 20.31 -15.88
C PHE B 373 -12.78 18.77 -15.88
N VAL B 374 -11.85 18.13 -16.58
CA VAL B 374 -11.82 16.68 -16.61
C VAL B 374 -11.50 16.15 -15.21
N GLU B 375 -10.56 16.81 -14.53
CA GLU B 375 -10.25 16.44 -13.16
C GLU B 375 -11.46 16.57 -12.23
N GLU B 376 -12.24 17.62 -12.38
CA GLU B 376 -13.48 17.75 -11.59
C GLU B 376 -14.39 16.56 -11.86
N LEU B 377 -14.62 16.29 -13.14
CA LEU B 377 -15.47 15.18 -13.54
C LEU B 377 -14.95 13.81 -13.04
N LEU B 378 -13.65 13.62 -13.05
CA LEU B 378 -13.10 12.37 -12.59
C LEU B 378 -13.34 12.21 -11.11
N GLY B 379 -13.78 13.30 -10.47
CA GLY B 379 -14.03 13.30 -9.04
C GLY B 379 -15.40 12.77 -8.72
N THR B 380 -16.24 12.63 -9.74
CA THR B 380 -17.55 12.00 -9.58
C THR B 380 -17.46 10.48 -9.86
N ASP B 381 -18.19 9.66 -9.10
CA ASP B 381 -18.09 8.20 -9.21
C ASP B 381 -18.47 7.71 -10.59
N GLU B 382 -19.53 8.28 -11.15
CA GLU B 382 -20.04 7.84 -12.45
C GLU B 382 -19.00 8.00 -13.59
N VAL B 383 -18.43 9.19 -13.75
CA VAL B 383 -17.38 9.40 -14.76
C VAL B 383 -16.11 8.61 -14.45
N ASN B 384 -15.72 8.56 -13.18
CA ASN B 384 -14.53 7.80 -12.85
C ASN B 384 -14.70 6.31 -13.20
N ARG B 385 -15.88 5.78 -12.90
CA ARG B 385 -16.19 4.38 -13.23
C ARG B 385 -16.10 4.17 -14.73
N TYR B 386 -16.68 5.09 -15.49
CA TYR B 386 -16.62 5.08 -16.94
C TYR B 386 -15.18 4.95 -17.47
N PHE B 387 -14.26 5.81 -17.02
CA PHE B 387 -12.88 5.74 -17.50
C PHE B 387 -12.11 4.59 -16.90
N THR B 388 -12.37 4.29 -15.63
CA THR B 388 -11.72 3.15 -15.00
C THR B 388 -12.09 1.88 -15.74
N GLY B 389 -13.39 1.74 -16.03
CA GLY B 389 -13.84 0.58 -16.76
C GLY B 389 -13.16 0.50 -18.11
N MET B 390 -12.92 1.67 -18.72
CA MET B 390 -12.39 1.71 -20.08
C MET B 390 -10.93 1.28 -20.12
N ILE B 391 -10.14 1.81 -19.21
CA ILE B 391 -8.71 1.51 -19.17
C ILE B 391 -8.39 0.10 -18.68
N THR B 392 -9.13 -0.37 -17.69
CA THR B 392 -8.86 -1.66 -17.06
C THR B 392 -9.48 -2.86 -17.75
N GLY B 393 -10.37 -2.61 -18.72
CA GLY B 393 -11.01 -3.70 -19.44
C GLY B 393 -12.27 -4.24 -18.74
N THR B 394 -12.63 -3.71 -17.57
CA THR B 394 -13.76 -4.28 -16.84
C THR B 394 -15.09 -3.98 -17.48
N ASP B 395 -15.12 -3.03 -18.40
CA ASP B 395 -16.36 -2.73 -19.11
C ASP B 395 -16.59 -3.59 -20.37
N VAL B 396 -15.63 -4.46 -20.68
CA VAL B 396 -15.77 -5.29 -21.88
C VAL B 396 -16.88 -6.33 -21.68
N ARG B 397 -17.89 -6.27 -22.55
CA ARG B 397 -18.89 -7.33 -22.66
C ARG B 397 -19.36 -7.49 -24.11
N TYR B 398 -19.77 -8.70 -24.45
CA TYR B 398 -20.08 -9.02 -25.85
C TYR B 398 -21.56 -9.04 -26.20
N ALA B 399 -21.86 -8.71 -27.45
CA ALA B 399 -23.23 -8.77 -27.97
C ALA B 399 -23.30 -9.83 -29.05
N THR B 400 -23.31 -11.09 -28.64
CA THR B 400 -23.10 -12.17 -29.60
C THR B 400 -24.25 -13.17 -29.60
N PHE B 401 -24.55 -13.67 -30.80
CA PHE B 401 -25.63 -14.61 -31.00
C PHE B 401 -26.90 -14.18 -30.29
N ALA B 402 -27.13 -12.87 -30.23
CA ALA B 402 -28.34 -12.32 -29.65
C ALA B 402 -29.50 -12.50 -30.62
N PRO B 403 -30.74 -12.45 -30.11
CA PRO B 403 -31.96 -12.48 -30.94
C PRO B 403 -32.24 -11.16 -31.70
N ALA B 404 -33.52 -10.80 -31.83
CA ALA B 404 -33.96 -9.66 -32.66
C ALA B 404 -33.81 -8.30 -32.00
N ALA B 407 -36.99 -7.96 -30.05
CA ALA B 407 -36.73 -8.96 -29.01
C ALA B 407 -35.42 -8.66 -28.26
N ARG B 408 -35.35 -9.05 -26.99
CA ARG B 408 -34.19 -8.76 -26.16
C ARG B 408 -33.62 -10.00 -25.49
N PRO B 409 -32.32 -9.96 -25.16
CA PRO B 409 -31.63 -11.14 -24.62
C PRO B 409 -31.56 -11.06 -23.10
N HIS B 410 -31.23 -12.17 -22.45
CA HIS B 410 -31.01 -12.10 -21.02
C HIS B 410 -29.95 -11.07 -20.69
N PRO B 411 -30.18 -10.27 -19.65
CA PRO B 411 -29.26 -9.21 -19.24
C PRO B 411 -27.85 -9.71 -18.98
N TRP B 412 -27.68 -10.98 -18.65
CA TRP B 412 -26.36 -11.49 -18.31
C TRP B 412 -25.56 -11.95 -19.51
N ALA B 413 -26.22 -12.11 -20.65
CA ALA B 413 -25.55 -12.61 -21.84
C ALA B 413 -24.45 -11.66 -22.28
N GLY B 414 -23.26 -12.21 -22.51
CA GLY B 414 -22.13 -11.40 -22.93
C GLY B 414 -21.31 -10.80 -21.80
N ARG B 415 -21.82 -10.87 -20.58
CA ARG B 415 -21.08 -10.34 -19.43
C ARG B 415 -19.98 -11.28 -18.95
N PHE B 416 -18.99 -10.71 -18.27
CA PHE B 416 -17.91 -11.47 -17.68
C PHE B 416 -18.38 -12.15 -16.41
N ALA B 417 -18.22 -13.47 -16.35
CA ALA B 417 -18.69 -14.26 -15.20
C ALA B 417 -17.51 -14.91 -14.50
N GLY B 418 -16.30 -14.60 -14.97
CA GLY B 418 -15.10 -15.28 -14.50
C GLY B 418 -14.69 -15.00 -13.07
N GLY B 419 -15.21 -13.92 -12.49
CA GLY B 419 -14.96 -13.58 -11.10
C GLY B 419 -16.03 -14.07 -10.14
N LEU B 420 -17.03 -14.79 -10.65
CA LEU B 420 -18.11 -15.30 -9.80
C LEU B 420 -17.64 -16.40 -8.87
N VAL B 421 -18.19 -16.43 -7.66
CA VAL B 421 -17.87 -17.50 -6.72
C VAL B 421 -19.15 -18.13 -6.17
N LEU B 422 -19.29 -19.43 -6.36
CA LEU B 422 -20.50 -20.14 -5.91
C LEU B 422 -20.31 -20.73 -4.53
N SER B 423 -21.43 -21.07 -3.88
CA SER B 423 -21.40 -21.84 -2.64
C SER B 423 -21.72 -23.27 -3.01
N GLY B 424 -20.83 -24.18 -2.63
CA GLY B 424 -20.97 -25.58 -2.98
C GLY B 424 -21.87 -26.31 -2.00
N PRO B 425 -22.02 -27.63 -2.20
CA PRO B 425 -22.91 -28.51 -1.42
C PRO B 425 -22.82 -28.29 0.09
N SER B 426 -21.61 -28.06 0.60
CA SER B 426 -21.41 -27.92 2.04
C SER B 426 -21.00 -26.52 2.49
N GLY B 427 -21.41 -25.50 1.73
CA GLY B 427 -21.10 -24.13 2.08
C GLY B 427 -19.70 -23.66 1.68
N GLU B 428 -18.85 -24.60 1.27
CA GLU B 428 -17.50 -24.25 0.84
C GLU B 428 -17.50 -23.46 -0.47
N PRO B 429 -16.54 -22.54 -0.63
CA PRO B 429 -16.48 -21.69 -1.82
C PRO B 429 -16.11 -22.48 -3.07
N VAL B 430 -16.74 -22.16 -4.20
CA VAL B 430 -16.38 -22.74 -5.49
C VAL B 430 -16.12 -21.64 -6.53
N PRO B 431 -14.87 -21.18 -6.64
CA PRO B 431 -14.57 -20.06 -7.54
C PRO B 431 -14.74 -20.52 -8.98
N VAL B 432 -15.55 -19.82 -9.76
CA VAL B 432 -15.74 -20.21 -11.15
C VAL B 432 -14.40 -20.11 -11.91
N ALA B 433 -13.51 -19.23 -11.45
CA ALA B 433 -12.19 -19.10 -12.09
C ALA B 433 -11.42 -20.40 -12.04
N GLU B 434 -11.54 -21.14 -10.94
CA GLU B 434 -10.86 -22.43 -10.86
C GLU B 434 -11.48 -23.46 -11.80
N LEU B 435 -12.80 -23.43 -11.94
CA LEU B 435 -13.48 -24.41 -12.77
C LEU B 435 -13.17 -24.20 -14.24
N LEU B 436 -13.03 -22.95 -14.66
CA LEU B 436 -12.67 -22.61 -16.05
C LEU B 436 -11.26 -23.03 -16.45
N ARG B 437 -10.41 -23.36 -15.47
CA ARG B 437 -9.03 -23.69 -15.76
C ARG B 437 -8.87 -24.89 -16.70
N SER B 438 -9.87 -25.75 -16.77
CA SER B 438 -9.81 -26.91 -17.66
C SER B 438 -10.18 -26.53 -19.10
N ALA B 439 -10.59 -25.28 -19.29
CA ALA B 439 -10.80 -24.72 -20.64
C ALA B 439 -11.99 -25.30 -21.39
N ARG B 440 -13.02 -25.72 -20.66
CA ARG B 440 -14.28 -26.17 -21.24
C ARG B 440 -15.37 -25.18 -20.80
N PRO B 441 -16.40 -25.01 -21.62
CA PRO B 441 -17.53 -24.18 -21.22
C PRO B 441 -18.17 -24.81 -19.97
N LEU B 442 -18.87 -24.00 -19.16
CA LEU B 442 -19.55 -24.46 -17.95
C LEU B 442 -21.01 -24.06 -17.99
N LEU B 443 -21.88 -24.98 -17.57
CA LEU B 443 -23.24 -24.58 -17.23
C LEU B 443 -23.34 -24.47 -15.72
N LEU B 444 -23.51 -23.25 -15.24
CA LEU B 444 -23.70 -22.99 -13.83
C LEU B 444 -25.19 -23.00 -13.52
N ASP B 445 -25.62 -23.97 -12.71
CA ASP B 445 -27.00 -23.99 -12.24
C ASP B 445 -27.08 -23.26 -10.91
N LEU B 446 -27.56 -22.02 -10.94
CA LEU B 446 -27.53 -21.14 -9.80
C LEU B 446 -28.76 -21.28 -8.89
N ALA B 447 -29.85 -21.81 -9.44
CA ALA B 447 -31.12 -21.76 -8.75
C ALA B 447 -31.78 -23.13 -8.62
N GLY B 448 -31.10 -24.18 -9.05
CA GLY B 448 -31.69 -25.52 -9.01
C GLY B 448 -32.60 -25.75 -10.20
N ARG B 449 -32.00 -25.86 -11.38
CA ARG B 449 -32.75 -26.09 -12.60
C ARG B 449 -32.37 -27.45 -13.16
N ALA B 450 -32.88 -28.50 -12.54
CA ALA B 450 -32.52 -29.85 -12.94
C ALA B 450 -32.87 -30.12 -14.40
N ASP B 451 -33.85 -29.40 -14.93
CA ASP B 451 -34.23 -29.58 -16.33
C ASP B 451 -33.11 -29.08 -17.25
N LEU B 452 -32.42 -28.03 -16.84
CA LEU B 452 -31.33 -27.51 -17.67
C LEU B 452 -30.09 -28.39 -17.57
N ARG B 453 -29.81 -28.89 -16.38
CA ARG B 453 -28.69 -29.82 -16.24
C ARG B 453 -28.93 -31.06 -17.11
N GLU B 454 -30.20 -31.44 -17.21
CA GLU B 454 -30.60 -32.60 -17.94
C GLU B 454 -30.25 -32.40 -19.33
N ALA B 455 -30.69 -31.28 -19.82
CA ALA B 455 -30.69 -30.94 -21.24
C ALA B 455 -29.26 -30.81 -21.78
N THR B 456 -28.30 -30.62 -20.87
CA THR B 456 -26.92 -30.37 -21.26
C THR B 456 -26.14 -31.66 -21.46
N ARG B 457 -26.71 -32.77 -20.98
CA ARG B 457 -26.03 -34.07 -21.05
C ARG B 457 -25.49 -34.46 -22.43
N PRO B 458 -26.28 -34.26 -23.50
CA PRO B 458 -25.79 -34.66 -24.82
C PRO B 458 -24.55 -33.87 -25.24
N TRP B 459 -24.15 -32.87 -24.43
CA TRP B 459 -22.93 -32.10 -24.67
C TRP B 459 -21.90 -32.33 -23.58
N SER B 460 -22.11 -33.34 -22.74
CA SER B 460 -21.26 -33.60 -21.58
C SER B 460 -19.79 -33.81 -21.93
N ASP B 461 -19.49 -33.97 -23.20
CA ASP B 461 -18.11 -34.16 -23.62
C ASP B 461 -17.37 -32.83 -23.83
N ARG B 462 -18.10 -31.74 -24.08
CA ARG B 462 -17.52 -30.40 -24.28
C ARG B 462 -17.83 -29.50 -23.11
N VAL B 463 -19.05 -29.64 -22.58
CA VAL B 463 -19.58 -28.72 -21.57
C VAL B 463 -19.66 -29.40 -20.20
N SER B 464 -19.19 -28.71 -19.16
CA SER B 464 -19.29 -29.24 -17.81
C SER B 464 -20.44 -28.62 -17.07
N VAL B 465 -21.21 -29.43 -16.35
CA VAL B 465 -22.28 -28.91 -15.51
C VAL B 465 -21.80 -28.77 -14.07
N VAL B 466 -22.08 -27.64 -13.46
CA VAL B 466 -21.64 -27.37 -12.11
C VAL B 466 -22.83 -26.85 -11.31
N ALA B 467 -23.18 -27.55 -10.24
CA ALA B 467 -24.28 -27.09 -9.38
C ALA B 467 -23.69 -26.23 -8.27
N GLY B 468 -24.44 -25.23 -7.85
CA GLY B 468 -23.94 -24.32 -6.83
C GLY B 468 -24.83 -23.12 -6.69
N GLU B 469 -25.04 -22.70 -5.45
CA GLU B 469 -25.89 -21.56 -5.18
C GLU B 469 -25.11 -20.25 -5.28
N ALA B 470 -25.78 -19.25 -5.82
CA ALA B 470 -25.33 -17.87 -5.73
C ALA B 470 -26.47 -17.00 -6.22
N THR B 471 -26.47 -15.77 -5.77
CA THR B 471 -27.37 -14.77 -6.32
C THR B 471 -26.51 -13.74 -7.03
N VAL B 472 -26.87 -13.47 -8.28
CA VAL B 472 -26.19 -12.49 -9.10
C VAL B 472 -27.13 -11.34 -9.42
N GLU B 473 -26.57 -10.21 -9.85
CA GLU B 473 -27.37 -9.06 -10.25
C GLU B 473 -26.93 -8.60 -11.62
N PRO B 474 -27.87 -8.43 -12.56
CA PRO B 474 -29.28 -8.78 -12.43
C PRO B 474 -29.42 -10.27 -12.16
N PRO B 475 -30.61 -10.71 -11.74
CA PRO B 475 -30.77 -12.13 -11.41
C PRO B 475 -30.63 -13.06 -12.62
N ALA B 476 -30.20 -14.28 -12.32
CA ALA B 476 -30.14 -15.32 -13.32
C ALA B 476 -30.28 -16.67 -12.63
N GLN B 477 -31.00 -17.58 -13.25
CA GLN B 477 -31.13 -18.94 -12.75
C GLN B 477 -29.98 -19.82 -13.23
N ALA B 478 -29.48 -19.54 -14.41
CA ALA B 478 -28.44 -20.36 -15.02
C ALA B 478 -27.57 -19.53 -15.95
N LEU B 479 -26.26 -19.76 -15.91
CA LEU B 479 -25.30 -19.13 -16.81
C LEU B 479 -24.52 -20.19 -17.57
N LEU B 480 -24.59 -20.11 -18.90
CA LEU B 480 -23.74 -20.92 -19.76
C LEU B 480 -22.50 -20.08 -20.04
N VAL B 481 -21.36 -20.52 -19.51
CA VAL B 481 -20.13 -19.75 -19.51
C VAL B 481 -19.06 -20.31 -20.47
N ARG B 482 -18.48 -19.41 -21.26
CA ARG B 482 -17.44 -19.77 -22.22
C ARG B 482 -16.08 -19.98 -21.54
N PRO B 483 -15.16 -20.70 -22.22
CA PRO B 483 -13.80 -20.86 -21.71
C PRO B 483 -13.08 -19.57 -21.37
N ASP B 484 -13.49 -18.44 -21.94
CA ASP B 484 -12.80 -17.19 -21.66
C ASP B 484 -13.48 -16.38 -20.56
N GLY B 485 -14.49 -16.93 -19.91
CA GLY B 485 -15.06 -16.28 -18.75
C GLY B 485 -16.29 -15.45 -19.04
N TYR B 486 -16.62 -15.31 -20.32
CA TYR B 486 -17.80 -14.57 -20.73
C TYR B 486 -19.04 -15.47 -20.86
N VAL B 487 -20.21 -14.91 -20.62
CA VAL B 487 -21.46 -15.68 -20.64
C VAL B 487 -22.01 -15.80 -22.04
N ALA B 488 -22.10 -17.03 -22.53
CA ALA B 488 -22.71 -17.28 -23.82
C ALA B 488 -24.24 -17.13 -23.73
N TRP B 489 -24.83 -17.67 -22.67
CA TRP B 489 -26.30 -17.76 -22.52
C TRP B 489 -26.69 -17.63 -21.05
N ALA B 490 -27.81 -16.98 -20.80
CA ALA B 490 -28.35 -16.90 -19.45
C ALA B 490 -29.85 -17.17 -19.49
N GLY B 491 -30.37 -17.84 -18.46
CA GLY B 491 -31.80 -18.11 -18.42
C GLY B 491 -32.42 -17.58 -17.15
N SER B 492 -33.64 -17.06 -17.24
CA SER B 492 -34.41 -16.80 -16.03
C SER B 492 -35.60 -17.77 -15.99
N PRO B 493 -36.58 -17.54 -15.10
CA PRO B 493 -37.56 -18.61 -14.92
C PRO B 493 -38.27 -19.04 -16.21
N ALA B 494 -38.54 -18.09 -17.10
CA ALA B 494 -39.22 -18.41 -18.37
C ALA B 494 -38.40 -19.31 -19.31
N ALA B 495 -37.09 -19.35 -19.14
CA ALA B 495 -36.20 -20.08 -20.04
C ALA B 495 -36.52 -21.57 -20.04
N THR B 496 -36.51 -22.17 -21.22
CA THR B 496 -36.83 -23.59 -21.36
C THR B 496 -35.65 -24.43 -21.77
N ALA B 497 -35.78 -25.73 -21.56
CA ALA B 497 -34.74 -26.66 -21.93
C ALA B 497 -34.48 -26.60 -23.44
N ASP B 498 -35.53 -26.38 -24.24
CA ASP B 498 -35.40 -26.35 -25.69
C ASP B 498 -34.52 -25.16 -26.10
N GLU B 499 -34.84 -23.99 -25.53
CA GLU B 499 -34.02 -22.79 -25.73
C GLU B 499 -32.57 -23.06 -25.43
N LEU B 500 -32.28 -23.70 -24.31
CA LEU B 500 -30.91 -24.01 -23.98
C LEU B 500 -30.32 -24.98 -25.02
N ARG B 501 -31.11 -25.95 -25.43
CA ARG B 501 -30.65 -26.88 -26.47
C ARG B 501 -30.16 -26.16 -27.73
N ALA B 502 -30.97 -25.21 -28.18
CA ALA B 502 -30.68 -24.48 -29.41
C ALA B 502 -29.41 -23.67 -29.23
N SER B 503 -29.27 -23.04 -28.07
CA SER B 503 -28.10 -22.24 -27.75
C SER B 503 -26.84 -23.09 -27.65
N LEU B 504 -26.97 -24.29 -27.10
CA LEU B 504 -25.85 -25.22 -27.00
C LEU B 504 -25.41 -25.67 -28.38
N ALA B 505 -26.37 -25.91 -29.27
CA ALA B 505 -26.08 -26.38 -30.61
C ALA B 505 -25.35 -25.29 -31.38
N ARG B 506 -25.64 -24.04 -31.03
CA ARG B 506 -25.14 -22.91 -31.76
C ARG B 506 -23.75 -22.53 -31.28
N TRP B 507 -23.54 -22.57 -29.97
CA TRP B 507 -22.24 -22.27 -29.42
C TRP B 507 -21.25 -23.41 -29.52
N PHE B 508 -21.70 -24.64 -29.27
CA PHE B 508 -20.74 -25.74 -29.11
C PHE B 508 -21.00 -26.96 -29.98
N GLY B 509 -21.83 -26.81 -31.02
CA GLY B 509 -22.00 -27.82 -32.04
C GLY B 509 -23.04 -28.88 -31.72
N PRO B 510 -23.34 -29.76 -32.70
CA PRO B 510 -24.36 -30.82 -32.57
C PRO B 510 -24.19 -31.67 -31.31
N PRO B 511 -25.30 -32.11 -30.73
CA PRO B 511 -25.26 -32.97 -29.55
C PRO B 511 -24.67 -34.34 -29.88
N ALA B 512 -23.99 -34.95 -28.90
CA ALA B 512 -23.42 -36.28 -29.08
C ALA B 512 -24.52 -37.34 -29.05
PA FAD C . 10.43 10.28 13.48
O1A FAD C . 11.61 11.17 13.22
O2A FAD C . 10.76 8.85 13.80
O5B FAD C . 9.51 10.25 12.16
C5B FAD C . 9.16 11.44 11.49
C4B FAD C . 8.79 11.09 10.06
O4B FAD C . 8.40 12.26 9.38
C3B FAD C . 9.93 10.48 9.27
O3B FAD C . 9.50 9.24 8.77
C2B FAD C . 10.21 11.48 8.15
O2B FAD C . 10.54 10.80 6.96
C1B FAD C . 8.89 12.22 8.05
N9A FAD C . 8.96 13.61 7.56
C8A FAD C . 9.79 14.61 7.98
N7A FAD C . 9.50 15.73 7.29
C5A FAD C . 8.48 15.47 6.45
C6A FAD C . 7.79 16.25 5.53
N6A FAD C . 8.08 17.55 5.37
N1A FAD C . 6.74 15.70 4.80
C2A FAD C . 6.42 14.37 4.98
N3A FAD C . 7.10 13.60 5.90
C4A FAD C . 8.12 14.14 6.62
N1 FAD C . 12.69 6.42 22.27
C2 FAD C . 12.06 5.49 23.06
O2 FAD C . 10.90 5.65 23.46
N3 FAD C . 12.73 4.35 23.43
C4 FAD C . 14.02 4.14 23.01
O4 FAD C . 14.61 3.12 23.35
C4X FAD C . 14.67 5.08 22.20
N5 FAD C . 15.97 4.87 21.78
C5X FAD C . 16.60 5.79 20.99
C6 FAD C . 17.91 5.58 20.56
C7 FAD C . 18.56 6.53 19.76
C7M FAD C . 19.96 6.30 19.30
C8 FAD C . 17.89 7.68 19.37
C8M FAD C . 18.57 8.70 18.50
C9 FAD C . 16.58 7.89 19.79
C9A FAD C . 15.93 6.95 20.60
N10 FAD C . 14.64 7.18 21.03
C10 FAD C . 14.00 6.23 21.82
C1' FAD C . 13.93 8.42 20.57
C2' FAD C . 12.98 8.02 19.43
O2' FAD C . 13.65 7.32 18.40
C3' FAD C . 12.23 9.20 18.82
O3' FAD C . 11.56 9.88 19.85
C4' FAD C . 11.19 8.76 17.78
O4' FAD C . 11.84 8.43 16.56
C5' FAD C . 10.17 9.85 17.52
O5' FAD C . 9.29 9.36 16.51
P FAD C . 8.50 10.37 15.57
O1P FAD C . 7.54 9.61 14.70
O2P FAD C . 7.95 11.53 16.35
O3P FAD C . 9.61 11.05 14.62
PA FAD D . 5.31 -8.28 -30.25
O1A FAD D . 5.84 -7.18 -31.13
O2A FAD D . 5.75 -8.13 -28.84
O5B FAD D . 5.81 -9.72 -30.78
C5B FAD D . 5.83 -10.09 -32.14
C4B FAD D . 7.01 -11.05 -32.35
O4B FAD D . 7.00 -11.57 -33.65
C3B FAD D . 8.37 -10.40 -32.17
O3B FAD D . 9.04 -10.98 -31.07
C2B FAD D . 9.10 -10.63 -33.50
O2B FAD D . 10.41 -11.06 -33.24
C1B FAD D . 8.31 -11.72 -34.17
N9A FAD D . 8.13 -11.65 -35.62
C8A FAD D . 7.78 -10.55 -36.37
N7A FAD D . 7.65 -10.92 -37.67
C5A FAD D . 7.90 -12.25 -37.76
C6A FAD D . 7.92 -13.13 -38.84
N6A FAD D . 7.60 -12.75 -40.08
N1A FAD D . 8.21 -14.46 -38.59
C2A FAD D . 8.49 -14.89 -37.31
N3A FAD D . 8.49 -14.00 -36.27
C4A FAD D . 8.19 -12.70 -36.49
N1 FAD D . 1.03 -2.80 -23.07
C2 FAD D . 0.40 -3.09 -21.87
O2 FAD D . -0.56 -3.86 -21.84
N3 FAD D . 0.84 -2.53 -20.71
C4 FAD D . 1.91 -1.65 -20.71
O4 FAD D . 2.28 -1.14 -19.67
C4X FAD D . 2.55 -1.37 -21.92
N5 FAD D . 3.62 -0.50 -21.93
C5X FAD D . 4.26 -0.22 -23.13
C6 FAD D . 5.33 0.67 -23.14
C7 FAD D . 5.98 0.96 -24.33
C7M FAD D . 7.14 1.91 -24.33
C8 FAD D . 5.56 0.38 -25.52
C8M FAD D . 6.27 0.72 -26.80
C9 FAD D . 4.46 -0.50 -25.52
C9A FAD D . 3.83 -0.79 -24.31
N10 FAD D . 2.75 -1.65 -24.29
C10 FAD D . 2.11 -1.95 -23.09
C1' FAD D . 2.30 -2.28 -25.57
C2' FAD D . 2.83 -3.71 -25.64
O2' FAD D . 4.22 -3.81 -25.37
C3' FAD D . 2.53 -4.36 -26.99
O3' FAD D . 1.14 -4.30 -27.25
C4' FAD D . 2.97 -5.82 -26.99
O4' FAD D . 4.34 -5.92 -27.28
C5' FAD D . 2.21 -6.62 -28.04
O5' FAD D . 2.73 -7.93 -28.04
P FAD D . 2.62 -8.81 -29.36
O1P FAD D . 3.02 -10.21 -28.95
O2P FAD D . 1.34 -8.68 -30.11
O3P FAD D . 3.71 -8.20 -30.42
#